data_8VUZ
#
_entry.id   8VUZ
#
_cell.length_a   1.00
_cell.length_b   1.00
_cell.length_c   1.00
_cell.angle_alpha   90.00
_cell.angle_beta   90.00
_cell.angle_gamma   90.00
#
_symmetry.space_group_name_H-M   'P 1'
#
loop_
_entity.id
_entity.type
_entity.pdbx_description
1 polymer '28H6E11 Fab Heavy Chain'
2 polymer '28H6E11 Fab Light Chain'
3 polymer 'L5A7 Fab Heavy Chain'
4 polymer 'L5A7 Fab Light Chain'
#
loop_
_entity_poly.entity_id
_entity_poly.type
_entity_poly.pdbx_seq_one_letter_code
_entity_poly.pdbx_strand_id
1 'polypeptide(L)'
;QVQLQQSGPEVVRPGVSVKISCKGSGYTFTDHAMHWVKQSHAKSLEWIGVFNTYNGDTNYNQKFEDKATMTIDKSSSTAY
LELARLTSEDSAIYYCVRLGLLGFYALDYWGQGTSVTVSSAKTTPPSVYPLAPGSAAQTNSMVTLGCLVKGYFPEPVTVT
WNSGSLSSGVHTFPAVLQSDLYTLSSSVTVPSSPRPSETVTCNVAHPASSTKVDKKIV
;
A
2 'polypeptide(L)'
;DVLMTQTPLSLPVSLGDQASISCRSSQSIVHSNGNTYLEWYLQKPGQSPKLLIYKVSNRFSGVPDRFSGSGSGTDFTLKI
SRVEAEDLGVYYCFQGSHVPLTFGAGTKLELKRADAAPTVSIFPPSSEQLTSGGASVVCFLNNFYPKDINVKWKIDGSER
QNGVLNSWTDQDSKDSTYSMSSTLTLTKDEYERHNSYTCEATHKTSTSPIVKSFNRNEC
;
B
3 'polypeptide(L)'
;QVQLQQSGPGLVKPSQTLSLTCGISGDSVSSDAAAWDWIRQSPSRGLEWLGRTFYRSRWHHDYSESVKNRITINADTSKN
QFSLQLTSVTPEDTATYYCARAGVRVFGIIVNSLDYWGQGTLVTVSSASTKGPSVFPLAPSSKSTSGGTAALGCLVKDYF
PEPVTVSWNSGALTSGVHTFPAVLQSSGLYSLSSVVTVPSSSLGTQTYICNVNHKPSNTKVDKKVEPKSC
;
H
4 'polypeptide(L)'
;AIQLTQSPSSLSASVGDRVTITCRASQATSSYLAWYQQKPGKAPKLLIYAASTLQSGVPSRFSGSGSGTDFTLTITSLQP
EDFATYYCQLSKTFGPGTKVEIKRTVAAPSVFIFPPSDEQLKSGTASVVCLLNNFYPREAKVQWKVDNALQSGNSQESVT
EQDSKDSTYSLSSTLTLSKADYEKHKVYACEVTHQGLSSPVTKSFNRGEC
;
L
#
# COMPACT_ATOMS: atom_id res chain seq x y z
N GLN A 1 11.57 0.48 21.94
CA GLN A 1 10.28 -0.13 22.15
C GLN A 1 9.16 0.69 21.51
N VAL A 2 8.28 0.02 20.76
CA VAL A 2 7.21 0.70 20.04
C VAL A 2 6.12 1.09 21.03
N GLN A 3 5.68 2.34 20.94
CA GLN A 3 4.61 2.84 21.80
C GLN A 3 4.01 4.08 21.15
N LEU A 4 2.69 4.18 21.17
CA LEU A 4 1.97 5.33 20.63
C LEU A 4 1.29 6.07 21.77
N GLN A 5 1.53 7.37 21.85
CA GLN A 5 0.88 8.23 22.83
C GLN A 5 -0.15 9.10 22.14
N GLN A 6 -1.30 9.27 22.77
CA GLN A 6 -2.42 9.98 22.18
C GLN A 6 -2.92 11.04 23.14
N SER A 7 -3.75 11.94 22.62
CA SER A 7 -4.25 13.05 23.41
C SER A 7 -5.24 12.57 24.47
N GLY A 8 -5.76 13.51 25.24
CA GLY A 8 -6.73 13.20 26.26
C GLY A 8 -8.14 13.28 25.70
N PRO A 9 -9.14 13.10 26.55
CA PRO A 9 -10.53 13.23 26.10
C PRO A 9 -10.91 14.68 25.91
N GLU A 10 -11.88 14.91 25.02
CA GLU A 10 -12.43 16.23 24.78
C GLU A 10 -13.95 16.18 24.92
N VAL A 11 -14.52 17.35 25.20
CA VAL A 11 -15.96 17.58 25.10
C VAL A 11 -16.16 18.87 24.33
N VAL A 12 -16.89 18.80 23.23
CA VAL A 12 -17.02 19.94 22.32
C VAL A 12 -18.49 20.15 21.97
N ARG A 13 -18.80 21.35 21.52
CA ARG A 13 -20.14 21.65 21.05
C ARG A 13 -20.35 21.09 19.65
N PRO A 14 -21.59 20.78 19.29
CA PRO A 14 -21.85 20.30 17.92
C PRO A 14 -21.50 21.35 16.88
N GLY A 15 -20.97 20.89 15.76
CA GLY A 15 -20.63 21.79 14.67
C GLY A 15 -19.30 22.49 14.80
N VAL A 16 -18.47 22.12 15.75
CA VAL A 16 -17.16 22.74 15.91
C VAL A 16 -16.10 21.70 15.62
N SER A 17 -14.94 22.17 15.17
CA SER A 17 -13.84 21.29 14.86
C SER A 17 -13.03 20.94 16.10
N VAL A 18 -12.51 19.72 16.13
CA VAL A 18 -11.68 19.25 17.22
C VAL A 18 -10.43 18.61 16.62
N LYS A 19 -9.35 18.59 17.40
CA LYS A 19 -8.07 18.08 16.96
C LYS A 19 -7.65 16.92 17.84
N ILE A 20 -7.11 15.88 17.21
CA ILE A 20 -6.61 14.71 17.93
C ILE A 20 -5.17 14.50 17.52
N SER A 21 -4.27 14.41 18.50
CA SER A 21 -2.85 14.29 18.25
C SER A 21 -2.37 12.91 18.68
N CYS A 22 -1.63 12.23 17.81
CA CYS A 22 -1.08 10.91 18.09
C CYS A 22 0.42 10.96 17.85
N LYS A 23 1.19 10.89 18.93
CA LYS A 23 2.64 10.98 18.85
C LYS A 23 3.25 9.59 19.01
N GLY A 24 4.11 9.22 18.08
CA GLY A 24 4.76 7.92 18.09
C GLY A 24 6.20 8.00 18.56
N SER A 25 6.68 6.90 19.13
CA SER A 25 8.04 6.84 19.64
C SER A 25 8.57 5.43 19.46
N GLY A 26 9.90 5.31 19.49
CA GLY A 26 10.54 4.02 19.41
C GLY A 26 10.72 3.47 18.01
N TYR A 27 10.28 4.19 16.98
CA TYR A 27 10.46 3.74 15.61
C TYR A 27 10.61 4.97 14.72
N THR A 28 11.33 4.77 13.61
CA THR A 28 11.49 5.86 12.65
C THR A 28 10.16 6.14 11.99
N PHE A 29 9.67 7.37 12.14
CA PHE A 29 8.30 7.66 11.77
C PHE A 29 8.06 7.50 10.27
N THR A 30 9.03 7.91 9.45
CA THR A 30 8.81 7.90 8.01
C THR A 30 8.67 6.49 7.44
N ASP A 31 9.07 5.45 8.18
CA ASP A 31 8.99 4.10 7.65
C ASP A 31 7.56 3.62 7.52
N HIS A 32 6.77 3.79 8.58
CA HIS A 32 5.48 3.12 8.68
C HIS A 32 4.34 4.14 8.61
N ALA A 33 3.30 3.80 7.85
CA ALA A 33 2.15 4.67 7.74
C ALA A 33 1.34 4.64 9.03
N MET A 34 0.34 5.51 9.10
CA MET A 34 -0.56 5.57 10.24
C MET A 34 -1.99 5.36 9.78
N HIS A 35 -2.75 4.60 10.56
CA HIS A 35 -4.15 4.35 10.30
C HIS A 35 -5.00 5.19 11.25
N TRP A 36 -6.32 5.08 11.10
CA TRP A 36 -7.24 5.70 12.04
C TRP A 36 -8.52 4.88 12.05
N VAL A 37 -8.86 4.32 13.20
CA VAL A 37 -10.05 3.48 13.34
C VAL A 37 -10.94 4.07 14.41
N LYS A 38 -12.24 4.13 14.11
CA LYS A 38 -13.22 4.72 15.02
C LYS A 38 -13.99 3.60 15.72
N GLN A 39 -14.14 3.72 17.03
CA GLN A 39 -14.88 2.75 17.83
C GLN A 39 -16.05 3.45 18.50
N SER A 40 -17.24 2.88 18.35
CA SER A 40 -18.45 3.43 18.92
C SER A 40 -19.39 2.28 19.25
N HIS A 41 -20.67 2.59 19.47
CA HIS A 41 -21.67 1.58 19.78
C HIS A 41 -22.67 1.35 18.65
N ALA A 42 -23.11 2.41 17.96
CA ALA A 42 -23.98 2.22 16.80
C ALA A 42 -23.25 1.45 15.71
N LYS A 43 -22.07 1.92 15.33
CA LYS A 43 -21.11 1.17 14.55
C LYS A 43 -20.11 0.55 15.51
N SER A 44 -19.23 -0.33 15.02
CA SER A 44 -18.35 -1.05 15.92
C SER A 44 -16.89 -0.66 15.76
N LEU A 45 -16.28 -0.88 14.60
CA LEU A 45 -14.87 -0.57 14.45
C LEU A 45 -14.57 -0.04 13.05
N GLU A 46 -15.41 0.86 12.54
CA GLU A 46 -15.21 1.29 11.16
C GLU A 46 -13.89 2.01 10.99
N TRP A 47 -13.36 1.95 9.77
CA TRP A 47 -12.05 2.47 9.42
C TRP A 47 -12.17 3.88 8.85
N ILE A 48 -11.30 4.78 9.29
CA ILE A 48 -11.38 6.17 8.87
C ILE A 48 -10.53 6.41 7.63
N GLY A 49 -9.23 6.19 7.75
CA GLY A 49 -8.34 6.44 6.62
C GLY A 49 -6.90 6.27 7.03
N VAL A 50 -6.05 6.17 6.01
CA VAL A 50 -4.64 5.89 6.20
C VAL A 50 -3.84 7.09 5.70
N PHE A 51 -2.66 7.29 6.29
CA PHE A 51 -1.75 8.35 5.91
C PHE A 51 -0.42 7.72 5.53
N ASN A 52 -0.13 7.68 4.23
CA ASN A 52 1.17 7.18 3.79
C ASN A 52 2.22 8.18 4.23
N THR A 53 2.89 7.88 5.34
CA THR A 53 3.66 8.91 6.04
C THR A 53 4.86 9.41 5.26
N TYR A 54 5.27 8.71 4.21
CA TYR A 54 6.44 9.16 3.46
C TYR A 54 6.10 10.32 2.54
N ASN A 55 5.23 10.08 1.56
CA ASN A 55 4.90 11.11 0.58
C ASN A 55 3.78 12.01 1.08
N GLY A 56 2.62 11.43 1.35
CA GLY A 56 1.53 12.21 1.90
C GLY A 56 0.19 11.98 1.26
N ASP A 57 0.12 11.11 0.25
CA ASP A 57 -1.16 10.80 -0.36
C ASP A 57 -2.04 10.05 0.64
N THR A 58 -3.28 10.49 0.76
CA THR A 58 -4.20 9.95 1.76
C THR A 58 -5.27 9.11 1.08
N ASN A 59 -5.69 8.06 1.76
CA ASN A 59 -6.72 7.14 1.28
C ASN A 59 -7.84 7.09 2.31
N TYR A 60 -8.77 8.02 2.20
CA TYR A 60 -9.87 8.11 3.16
C TYR A 60 -10.94 7.08 2.84
N ASN A 61 -11.58 6.57 3.88
CA ASN A 61 -12.80 5.81 3.68
C ASN A 61 -13.88 6.72 3.11
N GLN A 62 -14.70 6.17 2.22
CA GLN A 62 -15.68 7.00 1.52
C GLN A 62 -16.69 7.62 2.46
N LYS A 63 -16.97 7.00 3.61
CA LYS A 63 -17.98 7.57 4.50
C LYS A 63 -17.47 8.79 5.24
N PHE A 64 -16.17 8.86 5.53
CA PHE A 64 -15.59 9.98 6.27
C PHE A 64 -14.80 10.91 5.35
N GLU A 65 -15.14 10.93 4.06
CA GLU A 65 -14.41 11.77 3.11
C GLU A 65 -14.54 13.24 3.46
N ASP A 66 -15.75 13.69 3.82
CA ASP A 66 -15.98 15.10 4.04
C ASP A 66 -15.66 15.56 5.45
N LYS A 67 -16.00 14.76 6.45
CA LYS A 67 -15.95 15.22 7.83
C LYS A 67 -14.63 14.96 8.52
N ALA A 68 -13.65 14.36 7.85
CA ALA A 68 -12.37 14.08 8.48
C ALA A 68 -11.24 14.36 7.52
N THR A 69 -10.18 14.99 8.02
CA THR A 69 -8.95 15.16 7.27
C THR A 69 -7.78 14.92 8.20
N MET A 70 -6.66 14.49 7.62
CA MET A 70 -5.51 14.02 8.38
C MET A 70 -4.25 14.72 7.93
N THR A 71 -3.41 15.09 8.91
CA THR A 71 -2.20 15.86 8.64
C THR A 71 -1.06 15.25 9.43
N ILE A 72 0.16 15.44 8.93
CA ILE A 72 1.37 14.91 9.54
C ILE A 72 2.37 16.04 9.72
N ASP A 73 2.95 16.13 10.92
CA ASP A 73 4.03 17.07 11.21
C ASP A 73 5.27 16.19 11.41
N LYS A 74 6.01 15.96 10.34
CA LYS A 74 7.15 15.04 10.39
C LYS A 74 8.24 15.52 11.35
N SER A 75 8.31 16.82 11.62
CA SER A 75 9.35 17.33 12.51
C SER A 75 9.22 16.75 13.91
N SER A 76 7.99 16.67 14.43
CA SER A 76 7.75 16.15 15.76
C SER A 76 7.33 14.68 15.76
N SER A 77 7.31 14.04 14.59
CA SER A 77 6.89 12.65 14.45
C SER A 77 5.51 12.43 15.06
N THR A 78 4.54 13.16 14.54
CA THR A 78 3.20 13.16 15.07
C THR A 78 2.20 13.07 13.92
N ALA A 79 1.10 12.36 14.16
CA ALA A 79 0.01 12.25 13.20
C ALA A 79 -1.21 12.97 13.75
N TYR A 80 -1.87 13.76 12.90
CA TYR A 80 -2.97 14.61 13.32
C TYR A 80 -4.26 14.17 12.64
N LEU A 81 -5.38 14.34 13.34
CA LEU A 81 -6.70 14.10 12.79
C LEU A 81 -7.54 15.34 13.01
N GLU A 82 -8.22 15.80 11.96
CA GLU A 82 -9.10 16.95 12.02
C GLU A 82 -10.50 16.51 11.64
N LEU A 83 -11.48 16.92 12.44
CA LEU A 83 -12.88 16.62 12.19
C LEU A 83 -13.68 17.92 12.10
N ALA A 84 -14.77 17.88 11.36
CA ALA A 84 -15.61 19.05 11.17
C ALA A 84 -17.08 18.66 11.32
N ARG A 85 -17.90 19.66 11.59
CA ARG A 85 -19.35 19.55 11.75
C ARG A 85 -19.74 18.28 12.52
N LEU A 86 -19.21 18.19 13.73
CA LEU A 86 -19.47 17.02 14.57
C LEU A 86 -20.95 16.92 14.89
N THR A 87 -21.51 15.73 14.73
CA THR A 87 -22.91 15.48 15.04
C THR A 87 -23.03 14.87 16.43
N SER A 88 -24.29 14.72 16.88
CA SER A 88 -24.54 14.17 18.21
C SER A 88 -24.06 12.72 18.29
N GLU A 89 -24.27 11.94 17.25
CA GLU A 89 -23.88 10.54 17.27
C GLU A 89 -22.38 10.34 17.09
N ASP A 90 -21.63 11.40 16.79
CA ASP A 90 -20.20 11.26 16.52
C ASP A 90 -19.42 10.87 17.77
N SER A 91 -20.01 10.94 18.96
CA SER A 91 -19.30 10.58 20.18
C SER A 91 -18.76 9.16 20.06
N ALA A 92 -17.45 9.04 20.09
CA ALA A 92 -16.81 7.74 19.88
C ALA A 92 -15.39 7.80 20.42
N ILE A 93 -14.65 6.72 20.22
CA ILE A 93 -13.24 6.65 20.58
C ILE A 93 -12.45 6.47 19.29
N TYR A 94 -11.49 7.36 19.06
CA TYR A 94 -10.70 7.37 17.84
C TYR A 94 -9.31 6.84 18.14
N TYR A 95 -8.91 5.78 17.44
CA TYR A 95 -7.61 5.16 17.64
C TYR A 95 -6.67 5.53 16.51
N CYS A 96 -5.42 5.81 16.84
CA CYS A 96 -4.37 5.92 15.85
C CYS A 96 -3.56 4.63 15.87
N VAL A 97 -3.19 4.14 14.69
CA VAL A 97 -2.62 2.81 14.56
C VAL A 97 -1.47 2.84 13.58
N ARG A 98 -0.35 2.21 13.94
CA ARG A 98 0.77 2.05 13.04
C ARG A 98 0.56 0.83 12.14
N LEU A 99 0.87 0.99 10.87
CA LEU A 99 0.84 -0.10 9.89
C LEU A 99 2.25 -0.66 9.76
N GLY A 100 2.39 -1.96 9.95
CA GLY A 100 3.69 -2.59 10.00
C GLY A 100 3.87 -3.66 8.94
N LEU A 101 5.10 -3.75 8.43
CA LEU A 101 5.50 -4.80 7.50
C LEU A 101 4.56 -4.87 6.29
N LEU A 102 4.56 -3.78 5.52
CA LEU A 102 3.74 -3.70 4.33
C LEU A 102 3.93 -4.92 3.45
N GLY A 103 2.87 -5.71 3.30
CA GLY A 103 2.95 -7.01 2.67
C GLY A 103 2.45 -8.09 3.60
N PHE A 104 2.74 -7.95 4.88
CA PHE A 104 2.20 -8.79 5.93
C PHE A 104 1.53 -7.89 6.97
N TYR A 105 1.10 -8.50 8.07
CA TYR A 105 0.43 -7.78 9.18
C TYR A 105 -0.78 -7.05 8.62
N ALA A 106 -1.48 -6.27 9.45
CA ALA A 106 -2.24 -5.16 8.92
C ALA A 106 -2.06 -3.92 9.79
N LEU A 107 -2.01 -4.14 11.11
CA LEU A 107 -2.14 -3.08 12.10
C LEU A 107 -1.44 -3.57 13.35
N ASP A 108 -0.24 -3.05 13.64
CA ASP A 108 0.55 -3.64 14.73
C ASP A 108 0.12 -3.12 16.10
N TYR A 109 0.30 -1.84 16.35
CA TYR A 109 0.15 -1.28 17.69
C TYR A 109 -0.89 -0.18 17.72
N TRP A 110 -1.67 -0.14 18.78
CA TRP A 110 -2.78 0.78 18.91
C TRP A 110 -2.53 1.72 20.09
N GLY A 111 -2.83 2.99 19.89
CA GLY A 111 -2.70 3.95 20.97
C GLY A 111 -3.81 3.79 22.00
N GLN A 112 -3.61 4.48 23.13
CA GLN A 112 -4.57 4.36 24.22
C GLN A 112 -5.94 4.91 23.86
N GLY A 113 -6.03 5.72 22.81
CA GLY A 113 -7.32 6.16 22.31
C GLY A 113 -7.90 7.35 23.04
N THR A 114 -8.45 8.29 22.30
CA THR A 114 -9.13 9.45 22.86
C THR A 114 -10.62 9.35 22.55
N SER A 115 -11.43 9.70 23.54
CA SER A 115 -12.88 9.63 23.42
C SER A 115 -13.44 11.04 23.37
N VAL A 116 -13.94 11.43 22.21
CA VAL A 116 -14.52 12.77 22.02
C VAL A 116 -16.03 12.65 22.11
N THR A 117 -16.61 13.34 23.08
CA THR A 117 -18.06 13.42 23.25
C THR A 117 -18.53 14.81 22.90
N VAL A 118 -19.71 14.92 22.33
CA VAL A 118 -20.23 16.20 21.84
C VAL A 118 -21.34 16.74 22.74
N SER A 119 -22.47 16.05 22.82
CA SER A 119 -23.62 16.49 23.60
C SER A 119 -24.04 17.91 23.25
N SER A 120 -24.88 18.52 24.09
CA SER A 120 -25.24 19.91 23.91
C SER A 120 -25.19 20.65 25.24
N ALA A 121 -25.37 19.93 26.34
CA ALA A 121 -25.49 20.53 27.66
C ALA A 121 -24.13 21.01 28.16
N LYS A 122 -24.18 21.97 29.09
CA LYS A 122 -22.99 22.46 29.76
C LYS A 122 -22.64 21.54 30.93
N THR A 123 -21.49 21.80 31.54
CA THR A 123 -21.11 21.05 32.73
C THR A 123 -22.10 21.31 33.86
N THR A 124 -22.49 20.25 34.55
CA THR A 124 -23.46 20.36 35.62
C THR A 124 -23.05 19.43 36.76
N PRO A 125 -23.04 19.92 38.00
CA PRO A 125 -22.68 19.04 39.11
C PRO A 125 -23.71 17.96 39.30
N PRO A 126 -23.29 16.79 39.79
CA PRO A 126 -24.23 15.70 40.02
C PRO A 126 -25.11 15.97 41.24
N SER A 127 -26.29 15.35 41.23
CA SER A 127 -27.18 15.36 42.37
C SER A 127 -27.28 13.93 42.89
N VAL A 128 -26.86 13.70 44.12
CA VAL A 128 -26.82 12.37 44.71
C VAL A 128 -28.06 12.16 45.55
N TYR A 129 -28.74 11.04 45.31
CA TYR A 129 -29.99 10.73 46.00
C TYR A 129 -29.88 9.37 46.66
N PRO A 130 -30.51 9.20 47.83
CA PRO A 130 -30.37 7.95 48.57
C PRO A 130 -31.49 6.96 48.29
N LEU A 131 -31.15 5.68 48.40
CA LEU A 131 -32.12 4.59 48.30
C LEU A 131 -31.91 3.66 49.49
N ALA A 132 -32.98 3.35 50.20
CA ALA A 132 -32.92 2.48 51.37
C ALA A 132 -34.08 1.50 51.35
N PRO A 133 -33.91 0.34 51.99
CA PRO A 133 -35.04 -0.59 52.12
C PRO A 133 -36.15 0.01 52.98
N GLY A 134 -37.38 -0.39 52.69
CA GLY A 134 -38.53 0.17 53.35
C GLY A 134 -38.77 -0.42 54.73
N SER A 135 -39.80 0.11 55.38
CA SER A 135 -40.18 -0.35 56.72
C SER A 135 -40.74 -1.77 56.72
N ALA A 136 -41.04 -2.32 55.54
CA ALA A 136 -41.49 -3.71 55.41
C ALA A 136 -40.47 -4.57 54.66
N ALA A 137 -39.21 -4.12 54.61
CA ALA A 137 -38.16 -4.83 53.88
C ALA A 137 -37.19 -5.54 54.82
N GLN A 138 -37.50 -5.62 56.11
CA GLN A 138 -36.63 -6.26 57.09
C GLN A 138 -37.01 -7.71 57.35
N THR A 139 -37.55 -8.40 56.35
CA THR A 139 -37.97 -9.79 56.49
C THR A 139 -36.86 -10.77 56.14
N ASN A 140 -35.69 -10.30 55.74
CA ASN A 140 -34.57 -11.17 55.39
C ASN A 140 -33.31 -10.66 56.06
N SER A 141 -32.36 -11.59 56.28
CA SER A 141 -31.11 -11.24 56.93
C SER A 141 -30.26 -10.27 56.11
N MET A 142 -30.45 -10.23 54.79
CA MET A 142 -29.65 -9.39 53.91
C MET A 142 -30.58 -8.46 53.13
N VAL A 143 -30.16 -7.20 53.00
CA VAL A 143 -30.87 -6.19 52.22
C VAL A 143 -29.87 -5.48 51.33
N THR A 144 -30.40 -4.74 50.37
CA THR A 144 -29.60 -4.05 49.37
C THR A 144 -29.72 -2.54 49.57
N LEU A 145 -28.57 -1.88 49.72
CA LEU A 145 -28.51 -0.44 49.87
C LEU A 145 -27.73 0.17 48.72
N GLY A 146 -28.09 1.39 48.35
CA GLY A 146 -27.42 2.04 47.24
C GLY A 146 -27.83 3.49 47.11
N CYS A 147 -27.01 4.24 46.39
CA CYS A 147 -27.27 5.63 46.06
C CYS A 147 -27.23 5.80 44.54
N LEU A 148 -27.90 6.83 44.06
CA LEU A 148 -28.05 7.06 42.63
C LEU A 148 -27.78 8.53 42.30
N VAL A 149 -27.41 8.78 41.05
CA VAL A 149 -26.92 10.08 40.61
C VAL A 149 -27.70 10.53 39.38
N LYS A 150 -28.17 11.78 39.40
CA LYS A 150 -28.88 12.41 38.30
C LYS A 150 -28.20 13.72 37.87
N GLY A 151 -28.46 14.08 36.62
CA GLY A 151 -28.18 15.42 36.13
C GLY A 151 -26.73 15.86 36.22
N TYR A 152 -25.81 15.03 35.75
CA TYR A 152 -24.40 15.39 35.73
C TYR A 152 -23.83 15.25 34.32
N PHE A 153 -22.77 16.02 34.08
CA PHE A 153 -22.05 16.02 32.81
C PHE A 153 -20.71 16.70 32.99
N PRO A 154 -19.64 16.17 32.41
CA PRO A 154 -19.55 14.91 31.67
C PRO A 154 -18.93 13.80 32.51
N GLU A 155 -18.65 12.67 31.89
CA GLU A 155 -18.14 11.50 32.58
C GLU A 155 -16.72 11.75 33.05
N PRO A 156 -16.23 10.97 34.03
CA PRO A 156 -16.90 9.93 34.80
C PRO A 156 -17.18 10.37 36.23
N VAL A 157 -17.69 9.47 37.05
CA VAL A 157 -17.87 9.73 38.48
C VAL A 157 -17.40 8.51 39.25
N THR A 158 -16.57 8.73 40.27
CA THR A 158 -16.12 7.68 41.15
C THR A 158 -16.91 7.74 42.44
N VAL A 159 -17.52 6.62 42.82
CA VAL A 159 -18.32 6.53 44.02
C VAL A 159 -17.64 5.58 44.99
N THR A 160 -17.54 5.99 46.25
CA THR A 160 -16.97 5.18 47.31
C THR A 160 -18.00 4.99 48.41
N TRP A 161 -17.71 4.06 49.31
CA TRP A 161 -18.59 3.76 50.44
C TRP A 161 -17.78 3.79 51.72
N ASN A 162 -18.15 4.69 52.63
CA ASN A 162 -17.37 4.97 53.83
C ASN A 162 -15.92 5.29 53.46
N SER A 163 -15.78 6.16 52.46
CA SER A 163 -14.48 6.56 51.92
C SER A 163 -13.68 5.33 51.45
N GLY A 164 -14.38 4.39 50.83
CA GLY A 164 -13.74 3.20 50.30
C GLY A 164 -13.51 2.09 51.31
N SER A 165 -13.97 2.25 52.55
CA SER A 165 -13.77 1.20 53.55
C SER A 165 -14.51 -0.07 53.16
N LEU A 166 -15.74 0.07 52.66
CA LEU A 166 -16.57 -1.07 52.28
C LEU A 166 -16.42 -1.28 50.77
N SER A 167 -15.43 -2.09 50.39
CA SER A 167 -15.18 -2.40 48.99
C SER A 167 -15.73 -3.76 48.57
N SER A 168 -16.43 -4.46 49.45
CA SER A 168 -17.01 -5.76 49.15
C SER A 168 -18.51 -5.61 48.97
N GLY A 169 -19.02 -6.12 47.85
CA GLY A 169 -20.43 -6.00 47.54
C GLY A 169 -20.82 -4.71 46.86
N VAL A 170 -19.88 -3.79 46.67
CA VAL A 170 -20.17 -2.54 45.97
C VAL A 170 -20.31 -2.82 44.48
N HIS A 171 -21.40 -2.33 43.90
CA HIS A 171 -21.64 -2.53 42.47
C HIS A 171 -22.10 -1.20 41.88
N THR A 172 -21.32 -0.67 40.95
CA THR A 172 -21.72 0.48 40.17
C THR A 172 -22.24 0.02 38.82
N PHE A 173 -22.72 0.96 38.01
CA PHE A 173 -23.27 0.65 36.71
C PHE A 173 -22.77 1.64 35.69
N PRO A 174 -22.63 1.23 34.43
CA PRO A 174 -22.21 2.17 33.39
C PRO A 174 -23.22 3.29 33.24
N ALA A 175 -22.71 4.46 32.87
CA ALA A 175 -23.56 5.63 32.70
C ALA A 175 -24.51 5.44 31.53
N VAL A 176 -25.70 6.04 31.67
CA VAL A 176 -26.70 6.03 30.61
C VAL A 176 -27.05 7.47 30.28
N LEU A 177 -27.58 7.68 29.08
CA LEU A 177 -27.88 9.01 28.56
C LEU A 177 -29.39 9.17 28.38
N GLN A 178 -29.93 10.26 28.90
CA GLN A 178 -31.33 10.60 28.70
C GLN A 178 -31.49 12.10 28.90
N SER A 179 -32.31 12.72 28.06
CA SER A 179 -32.57 14.16 28.14
C SER A 179 -31.27 14.96 28.18
N ASP A 180 -30.29 14.51 27.41
CA ASP A 180 -28.99 15.15 27.23
C ASP A 180 -28.13 15.17 28.50
N LEU A 181 -28.56 14.50 29.57
CA LEU A 181 -27.79 14.43 30.80
C LEU A 181 -27.54 12.97 31.16
N TYR A 182 -26.34 12.67 31.64
CA TYR A 182 -25.99 11.29 31.94
C TYR A 182 -26.56 10.88 33.30
N THR A 183 -26.41 9.59 33.61
CA THR A 183 -27.07 8.97 34.76
C THR A 183 -26.37 7.68 35.11
N LEU A 184 -26.15 7.46 36.40
CA LEU A 184 -25.62 6.19 36.89
C LEU A 184 -26.04 6.01 38.34
N SER A 185 -25.95 4.78 38.82
CA SER A 185 -26.30 4.46 40.19
C SER A 185 -25.33 3.43 40.73
N SER A 186 -25.44 3.16 42.03
CA SER A 186 -24.58 2.20 42.71
C SER A 186 -25.39 1.49 43.78
N SER A 187 -24.91 0.32 44.19
CA SER A 187 -25.61 -0.45 45.20
C SER A 187 -24.62 -1.38 45.91
N VAL A 188 -24.92 -1.68 47.17
CA VAL A 188 -24.14 -2.62 47.97
C VAL A 188 -25.10 -3.58 48.65
N THR A 189 -24.55 -4.71 49.09
CA THR A 189 -25.29 -5.72 49.82
C THR A 189 -24.78 -5.78 51.25
N VAL A 190 -25.67 -5.55 52.21
CA VAL A 190 -25.28 -5.52 53.62
C VAL A 190 -26.28 -6.32 54.44
N PRO A 191 -25.88 -6.87 55.58
CA PRO A 191 -26.86 -7.53 56.45
C PRO A 191 -27.86 -6.52 57.00
N SER A 192 -29.07 -7.01 57.26
CA SER A 192 -30.18 -6.16 57.69
C SER A 192 -30.14 -5.85 59.17
N SER A 193 -28.99 -6.03 59.83
CA SER A 193 -28.82 -5.71 61.24
C SER A 193 -27.90 -4.50 61.37
N PRO A 194 -28.41 -3.28 61.29
CA PRO A 194 -27.56 -2.09 61.37
C PRO A 194 -27.25 -1.75 62.82
N ARG A 195 -25.98 -1.90 63.19
CA ARG A 195 -25.56 -1.59 64.55
C ARG A 195 -25.57 -0.08 64.78
N PRO A 196 -25.76 0.36 66.03
CA PRO A 196 -25.70 1.80 66.30
C PRO A 196 -24.37 2.43 65.91
N SER A 197 -23.27 1.71 66.10
CA SER A 197 -21.95 2.17 65.71
C SER A 197 -21.62 1.84 64.26
N GLU A 198 -22.51 1.15 63.56
CA GLU A 198 -22.31 0.80 62.15
C GLU A 198 -23.17 1.71 61.28
N THR A 199 -22.53 2.43 60.37
CA THR A 199 -23.22 3.31 59.44
C THR A 199 -22.67 3.10 58.03
N VAL A 200 -23.50 3.43 57.05
CA VAL A 200 -23.14 3.33 55.65
C VAL A 200 -23.27 4.72 55.04
N THR A 201 -22.19 5.21 54.43
CA THR A 201 -22.17 6.54 53.83
C THR A 201 -21.45 6.46 52.50
N CYS A 202 -22.15 6.80 51.42
CA CYS A 202 -21.58 6.75 50.08
C CYS A 202 -21.19 8.14 49.64
N ASN A 203 -19.99 8.27 49.11
CA ASN A 203 -19.44 9.56 48.68
C ASN A 203 -19.25 9.57 47.17
N VAL A 204 -19.70 10.65 46.53
CA VAL A 204 -19.57 10.82 45.10
C VAL A 204 -18.53 11.90 44.82
N ALA A 205 -17.54 11.57 44.02
CA ALA A 205 -16.47 12.49 43.66
C ALA A 205 -16.53 12.76 42.16
N HIS A 206 -16.56 14.02 41.79
CA HIS A 206 -16.67 14.43 40.39
C HIS A 206 -15.58 15.46 40.09
N PRO A 207 -14.58 15.12 39.28
CA PRO A 207 -13.50 16.08 39.02
C PRO A 207 -13.83 17.12 37.98
N ALA A 208 -14.83 16.89 37.13
CA ALA A 208 -15.20 17.89 36.14
C ALA A 208 -15.72 19.16 36.80
N SER A 209 -16.53 19.00 37.84
CA SER A 209 -17.04 20.14 38.60
C SER A 209 -16.30 20.38 39.90
N SER A 210 -15.33 19.52 40.24
CA SER A 210 -14.56 19.63 41.47
C SER A 210 -15.47 19.67 42.70
N THR A 211 -16.50 18.82 42.70
CA THR A 211 -17.47 18.78 43.78
C THR A 211 -17.56 17.35 44.31
N LYS A 212 -17.49 17.20 45.63
CA LYS A 212 -17.62 15.92 46.29
C LYS A 212 -18.74 16.00 47.31
N VAL A 213 -19.65 15.04 47.27
CA VAL A 213 -20.82 15.02 48.14
C VAL A 213 -20.89 13.68 48.86
N ASP A 214 -21.23 13.72 50.14
CA ASP A 214 -21.49 12.52 50.93
C ASP A 214 -22.97 12.49 51.28
N LYS A 215 -23.59 11.32 51.14
CA LYS A 215 -25.03 11.19 51.32
C LYS A 215 -25.32 10.31 52.53
N LYS A 216 -26.28 10.74 53.34
CA LYS A 216 -26.65 10.05 54.58
C LYS A 216 -27.58 8.90 54.22
N ILE A 217 -27.20 7.66 54.57
CA ILE A 217 -27.92 6.48 54.12
C ILE A 217 -28.66 5.79 55.27
N VAL A 218 -27.92 5.32 56.28
CA VAL A 218 -28.53 4.69 57.45
C VAL A 218 -27.60 4.83 58.65
N ASP B 1 -17.36 -1.95 -0.65
CA ASP B 1 -17.37 -2.31 0.76
C ASP B 1 -17.61 -3.79 0.94
N VAL B 2 -16.96 -4.39 1.92
CA VAL B 2 -17.17 -5.79 2.27
C VAL B 2 -17.82 -5.82 3.65
N LEU B 3 -18.89 -6.59 3.78
CA LEU B 3 -19.65 -6.66 5.03
C LEU B 3 -19.43 -8.02 5.66
N MET B 4 -18.98 -8.03 6.91
CA MET B 4 -18.76 -9.27 7.64
C MET B 4 -19.59 -9.32 8.91
N THR B 5 -20.03 -10.53 9.26
CA THR B 5 -20.71 -10.79 10.51
C THR B 5 -19.98 -11.91 11.24
N GLN B 6 -19.66 -11.67 12.51
CA GLN B 6 -19.02 -12.68 13.33
C GLN B 6 -20.09 -13.54 13.99
N THR B 7 -20.11 -14.82 13.66
CA THR B 7 -21.10 -15.75 14.20
C THR B 7 -20.39 -16.68 15.16
N PRO B 8 -20.82 -16.77 16.41
CA PRO B 8 -21.92 -16.07 17.06
C PRO B 8 -21.48 -14.84 17.83
N LEU B 9 -22.44 -14.09 18.38
CA LEU B 9 -22.11 -12.81 19.01
C LEU B 9 -21.34 -13.01 20.30
N SER B 10 -21.79 -13.93 21.16
CA SER B 10 -21.17 -14.15 22.45
C SER B 10 -20.80 -15.62 22.61
N LEU B 11 -19.69 -15.86 23.31
CA LEU B 11 -19.16 -17.21 23.52
C LEU B 11 -19.09 -17.52 25.00
N PRO B 12 -20.08 -18.17 25.57
CA PRO B 12 -19.94 -18.63 26.95
C PRO B 12 -19.10 -19.89 26.99
N VAL B 13 -17.85 -19.77 27.44
CA VAL B 13 -16.94 -20.90 27.49
C VAL B 13 -16.37 -21.02 28.88
N SER B 14 -15.95 -22.23 29.24
CA SER B 14 -15.31 -22.49 30.52
C SER B 14 -13.80 -22.51 30.36
N LEU B 15 -13.10 -22.51 31.48
CA LEU B 15 -11.64 -22.48 31.46
C LEU B 15 -11.10 -23.76 30.85
N GLY B 16 -10.06 -23.63 30.04
CA GLY B 16 -9.38 -24.77 29.46
C GLY B 16 -10.21 -25.60 28.51
N ASP B 17 -10.92 -24.94 27.59
CA ASP B 17 -11.71 -25.63 26.59
C ASP B 17 -11.43 -25.02 25.22
N GLN B 18 -12.05 -25.59 24.20
CA GLN B 18 -11.88 -25.13 22.83
C GLN B 18 -13.10 -24.30 22.43
N ALA B 19 -12.86 -23.07 21.98
CA ALA B 19 -13.91 -22.18 21.52
C ALA B 19 -13.61 -21.76 20.09
N SER B 20 -14.64 -21.76 19.25
CA SER B 20 -14.51 -21.46 17.84
C SER B 20 -15.25 -20.17 17.52
N ILE B 21 -14.58 -19.27 16.81
CA ILE B 21 -15.16 -18.01 16.36
C ILE B 21 -15.01 -17.95 14.86
N SER B 22 -16.12 -17.63 14.17
CA SER B 22 -16.14 -17.64 12.71
C SER B 22 -16.42 -16.25 12.17
N CYS B 23 -15.68 -15.88 11.13
CA CYS B 23 -15.84 -14.61 10.45
C CYS B 23 -16.02 -14.88 8.97
N ARG B 24 -17.14 -14.41 8.41
CA ARG B 24 -17.51 -14.69 7.03
C ARG B 24 -17.54 -13.40 6.22
N SER B 25 -17.11 -13.47 4.97
CA SER B 25 -17.01 -12.31 4.10
C SER B 25 -18.07 -12.38 3.01
N SER B 26 -18.73 -11.25 2.76
CA SER B 26 -19.77 -11.22 1.74
C SER B 26 -19.20 -11.48 0.35
N GLN B 27 -18.03 -10.94 0.05
CA GLN B 27 -17.36 -11.18 -1.21
C GLN B 27 -15.97 -11.74 -0.93
N SER B 28 -15.43 -12.47 -1.89
CA SER B 28 -14.11 -13.06 -1.72
C SER B 28 -13.08 -11.97 -1.48
N ILE B 29 -12.22 -12.19 -0.49
CA ILE B 29 -11.22 -11.20 -0.11
C ILE B 29 -9.82 -11.64 -0.54
N VAL B 30 -9.74 -12.49 -1.57
CA VAL B 30 -8.44 -12.89 -2.10
C VAL B 30 -7.87 -11.72 -2.89
N HIS B 31 -6.82 -11.09 -2.37
CA HIS B 31 -6.18 -10.01 -3.09
C HIS B 31 -5.53 -10.53 -4.36
N SER B 32 -5.65 -9.77 -5.44
CA SER B 32 -5.33 -10.29 -6.77
C SER B 32 -3.88 -10.75 -6.86
N ASN B 33 -2.97 -10.04 -6.19
CA ASN B 33 -1.57 -10.46 -6.21
C ASN B 33 -1.41 -11.83 -5.56
N GLY B 34 -2.12 -12.06 -4.47
CA GLY B 34 -2.04 -13.33 -3.77
C GLY B 34 -2.41 -13.13 -2.31
N ASN B 35 -2.31 -14.24 -1.57
CA ASN B 35 -2.58 -14.26 -0.13
C ASN B 35 -4.03 -13.91 0.18
N THR B 36 -4.38 -13.93 1.46
CA THR B 36 -5.74 -13.59 1.93
C THR B 36 -5.56 -12.85 3.24
N TYR B 37 -5.51 -11.52 3.17
CA TYR B 37 -5.17 -10.72 4.34
C TYR B 37 -6.34 -10.71 5.31
N LEU B 38 -6.19 -11.43 6.41
CA LEU B 38 -7.17 -11.42 7.49
C LEU B 38 -6.44 -11.25 8.81
N GLU B 39 -7.08 -10.56 9.74
CA GLU B 39 -6.50 -10.32 11.04
C GLU B 39 -7.53 -10.55 12.13
N TRP B 40 -7.07 -10.98 13.29
CA TRP B 40 -7.93 -11.10 14.47
C TRP B 40 -7.34 -10.24 15.56
N TYR B 41 -8.16 -9.36 16.13
CA TYR B 41 -7.74 -8.48 17.22
C TYR B 41 -8.56 -8.79 18.45
N LEU B 42 -7.88 -9.00 19.57
CA LEU B 42 -8.58 -9.12 20.84
C LEU B 42 -8.37 -7.85 21.64
N GLN B 43 -9.39 -7.46 22.40
CA GLN B 43 -9.37 -6.21 23.16
C GLN B 43 -9.76 -6.53 24.60
N LYS B 44 -8.77 -6.61 25.48
CA LYS B 44 -9.05 -6.79 26.89
C LYS B 44 -9.79 -5.57 27.42
N PRO B 45 -10.61 -5.73 28.44
CA PRO B 45 -11.38 -4.59 28.95
C PRO B 45 -10.46 -3.48 29.42
N GLY B 46 -10.85 -2.24 29.10
CA GLY B 46 -10.08 -1.08 29.54
C GLY B 46 -8.67 -1.04 29.00
N GLN B 47 -8.48 -1.35 27.73
CA GLN B 47 -7.16 -1.35 27.13
C GLN B 47 -7.30 -0.94 25.67
N SER B 48 -6.25 -1.20 24.89
CA SER B 48 -6.23 -0.96 23.47
C SER B 48 -6.07 -2.28 22.74
N PRO B 49 -6.87 -2.56 21.72
CA PRO B 49 -6.80 -3.87 21.06
C PRO B 49 -5.42 -4.13 20.50
N LYS B 50 -4.98 -5.37 20.63
CA LYS B 50 -3.69 -5.83 20.13
C LYS B 50 -3.90 -6.70 18.89
N LEU B 51 -2.79 -7.14 18.31
CA LEU B 51 -2.83 -8.03 17.16
C LEU B 51 -2.66 -9.46 17.65
N LEU B 52 -3.60 -10.33 17.27
CA LEU B 52 -3.59 -11.71 17.71
C LEU B 52 -3.03 -12.66 16.66
N ILE B 53 -3.58 -12.62 15.45
CA ILE B 53 -3.15 -13.50 14.37
C ILE B 53 -3.42 -12.82 13.03
N TYR B 54 -2.41 -12.80 12.17
CA TYR B 54 -2.47 -12.15 10.87
C TYR B 54 -2.21 -13.17 9.79
N LYS B 55 -2.77 -12.93 8.60
CA LYS B 55 -2.52 -13.82 7.46
C LYS B 55 -2.92 -15.25 7.83
N VAL B 56 -4.23 -15.45 7.91
CA VAL B 56 -4.90 -16.33 8.87
C VAL B 56 -4.12 -17.61 9.16
N SER B 57 -3.42 -18.15 8.16
CA SER B 57 -2.58 -19.32 8.41
C SER B 57 -1.45 -18.98 9.39
N ASN B 58 -0.85 -17.80 9.26
CA ASN B 58 0.33 -17.44 10.02
C ASN B 58 -0.05 -17.16 11.48
N ARG B 59 0.89 -16.64 12.25
CA ARG B 59 0.62 -16.25 13.63
C ARG B 59 1.64 -15.21 14.05
N PHE B 60 1.16 -14.11 14.64
CA PHE B 60 2.01 -13.00 15.04
C PHE B 60 2.94 -13.43 16.17
N SER B 61 4.00 -12.66 16.38
CA SER B 61 4.93 -12.97 17.46
C SER B 61 4.36 -12.55 18.81
N GLY B 62 4.77 -13.27 19.85
CA GLY B 62 4.38 -12.93 21.21
C GLY B 62 3.09 -13.54 21.69
N VAL B 63 2.31 -14.15 20.81
CA VAL B 63 1.05 -14.78 21.18
C VAL B 63 1.29 -16.27 21.38
N PRO B 64 0.67 -16.91 22.38
CA PRO B 64 0.92 -18.34 22.62
C PRO B 64 0.43 -19.23 21.49
N ASP B 65 0.62 -20.54 21.66
CA ASP B 65 0.36 -21.50 20.61
C ASP B 65 -1.12 -21.84 20.46
N ARG B 66 -1.95 -21.48 21.45
CA ARG B 66 -3.35 -21.89 21.42
C ARG B 66 -4.10 -21.26 20.25
N PHE B 67 -3.92 -19.96 20.03
CA PHE B 67 -4.62 -19.29 18.95
C PHE B 67 -4.12 -19.80 17.60
N SER B 68 -5.06 -20.13 16.72
CA SER B 68 -4.72 -20.58 15.38
C SER B 68 -5.92 -20.31 14.47
N GLY B 69 -5.62 -20.02 13.21
CA GLY B 69 -6.65 -19.69 12.24
C GLY B 69 -6.67 -20.67 11.10
N SER B 70 -7.82 -20.75 10.43
CA SER B 70 -7.98 -21.69 9.32
C SER B 70 -9.11 -21.19 8.44
N GLY B 71 -9.16 -21.73 7.23
CA GLY B 71 -10.19 -21.41 6.27
C GLY B 71 -9.65 -20.60 5.11
N SER B 72 -10.41 -20.63 4.00
CA SER B 72 -10.05 -19.88 2.81
C SER B 72 -11.32 -19.58 2.03
N GLY B 73 -11.22 -18.58 1.15
CA GLY B 73 -12.36 -18.19 0.35
C GLY B 73 -13.21 -17.12 1.00
N THR B 74 -14.31 -17.52 1.63
CA THR B 74 -15.20 -16.59 2.30
C THR B 74 -15.47 -16.95 3.75
N ASP B 75 -14.92 -18.05 4.25
CA ASP B 75 -15.14 -18.50 5.62
C ASP B 75 -13.81 -18.64 6.34
N PHE B 76 -13.71 -18.04 7.52
CA PHE B 76 -12.53 -18.15 8.35
C PHE B 76 -12.95 -18.41 9.78
N THR B 77 -12.13 -19.19 10.49
CA THR B 77 -12.40 -19.53 11.87
C THR B 77 -11.13 -19.36 12.70
N LEU B 78 -11.31 -18.93 13.94
CA LEU B 78 -10.23 -18.83 14.91
C LEU B 78 -10.60 -19.70 16.10
N LYS B 79 -9.69 -20.59 16.48
CA LYS B 79 -9.96 -21.55 17.55
C LYS B 79 -8.96 -21.37 18.68
N ILE B 80 -9.46 -21.39 19.91
CA ILE B 80 -8.64 -21.26 21.11
C ILE B 80 -8.54 -22.64 21.75
N SER B 81 -7.33 -23.17 21.84
CA SER B 81 -7.15 -24.52 22.38
C SER B 81 -7.59 -24.57 23.84
N ARG B 82 -7.09 -23.66 24.66
CA ARG B 82 -7.47 -23.57 26.06
C ARG B 82 -7.70 -22.11 26.42
N VAL B 83 -8.76 -21.86 27.18
CA VAL B 83 -9.13 -20.51 27.57
C VAL B 83 -8.56 -20.23 28.96
N GLU B 84 -7.85 -19.13 29.09
CA GLU B 84 -7.31 -18.68 30.36
C GLU B 84 -8.08 -17.47 30.85
N ALA B 85 -7.66 -16.95 32.00
CA ALA B 85 -8.30 -15.76 32.54
C ALA B 85 -8.04 -14.54 31.67
N GLU B 86 -6.92 -14.53 30.94
CA GLU B 86 -6.59 -13.38 30.10
C GLU B 86 -7.37 -13.36 28.80
N ASP B 87 -7.93 -14.49 28.38
CA ASP B 87 -8.57 -14.55 27.07
C ASP B 87 -9.88 -13.79 27.01
N LEU B 88 -10.41 -13.35 28.14
CA LEU B 88 -11.68 -12.62 28.13
C LEU B 88 -11.52 -11.31 27.39
N GLY B 89 -12.56 -10.90 26.68
CA GLY B 89 -12.55 -9.69 25.92
C GLY B 89 -13.41 -9.84 24.68
N VAL B 90 -13.20 -8.95 23.72
CA VAL B 90 -13.91 -8.97 22.45
C VAL B 90 -12.91 -9.26 21.36
N TYR B 91 -13.31 -10.11 20.40
CA TYR B 91 -12.45 -10.52 19.30
C TYR B 91 -13.00 -9.93 18.00
N TYR B 92 -12.16 -9.17 17.30
CA TYR B 92 -12.55 -8.54 16.05
C TYR B 92 -11.86 -9.23 14.89
N CYS B 93 -12.62 -9.62 13.89
CA CYS B 93 -12.06 -10.09 12.64
C CYS B 93 -11.93 -8.90 11.69
N PHE B 94 -10.80 -8.82 11.01
CA PHE B 94 -10.48 -7.67 10.19
C PHE B 94 -9.87 -8.14 8.88
N GLN B 95 -10.01 -7.32 7.84
CA GLN B 95 -9.40 -7.62 6.55
C GLN B 95 -8.78 -6.36 5.97
N GLY B 96 -7.56 -6.48 5.47
CA GLY B 96 -7.14 -5.52 4.46
C GLY B 96 -6.91 -6.18 3.12
N SER B 97 -7.92 -6.16 2.25
CA SER B 97 -7.71 -6.57 0.87
C SER B 97 -8.52 -5.78 -0.12
N HIS B 98 -9.40 -4.89 0.33
CA HIS B 98 -10.31 -4.17 -0.57
C HIS B 98 -10.66 -2.87 0.12
N VAL B 99 -10.00 -1.80 -0.29
CA VAL B 99 -10.25 -0.50 0.36
C VAL B 99 -11.72 -0.14 0.21
N PRO B 100 -12.41 0.24 1.29
CA PRO B 100 -11.94 0.43 2.65
C PRO B 100 -11.82 -0.86 3.43
N LEU B 101 -10.84 -0.92 4.34
CA LEU B 101 -10.61 -2.09 5.18
C LEU B 101 -11.71 -2.12 6.24
N THR B 102 -12.72 -2.93 6.03
CA THR B 102 -13.85 -2.99 6.96
C THR B 102 -13.41 -3.69 8.24
N PHE B 103 -14.33 -3.82 9.19
CA PHE B 103 -14.04 -4.48 10.45
C PHE B 103 -15.22 -5.38 10.82
N GLY B 104 -15.01 -6.21 11.82
CA GLY B 104 -16.07 -7.05 12.33
C GLY B 104 -17.01 -6.29 13.23
N ALA B 105 -17.82 -7.04 13.97
CA ALA B 105 -18.73 -6.44 14.94
C ALA B 105 -18.33 -6.71 16.38
N GLY B 106 -17.60 -7.78 16.64
CA GLY B 106 -17.15 -8.07 17.99
C GLY B 106 -17.79 -9.34 18.55
N THR B 107 -16.98 -10.12 19.25
CA THR B 107 -17.44 -11.34 19.90
C THR B 107 -16.91 -11.36 21.32
N LYS B 108 -17.82 -11.37 22.30
CA LYS B 108 -17.44 -11.34 23.70
C LYS B 108 -17.13 -12.75 24.18
N LEU B 109 -16.07 -12.88 24.97
CA LEU B 109 -15.69 -14.14 25.59
C LEU B 109 -15.82 -13.99 27.10
N GLU B 110 -16.53 -14.93 27.74
CA GLU B 110 -16.76 -14.83 29.17
C GLU B 110 -16.99 -16.22 29.74
N LEU B 111 -16.86 -16.32 31.06
CA LEU B 111 -16.96 -17.60 31.75
C LEU B 111 -18.41 -18.07 31.85
N LYS B 112 -18.57 -19.31 32.27
CA LYS B 112 -19.87 -19.90 32.54
C LYS B 112 -19.92 -20.38 33.99
N ARG B 113 -21.15 -20.54 34.49
CA ARG B 113 -21.36 -21.08 35.82
C ARG B 113 -22.80 -21.56 35.91
N ALA B 114 -23.13 -22.13 37.06
CA ALA B 114 -24.50 -22.54 37.32
C ALA B 114 -25.41 -21.31 37.35
N ASP B 115 -26.61 -21.47 36.80
CA ASP B 115 -27.55 -20.36 36.76
C ASP B 115 -27.94 -19.92 38.17
N ALA B 116 -27.93 -18.61 38.38
CA ALA B 116 -28.21 -18.03 39.69
C ALA B 116 -29.44 -17.15 39.62
N ALA B 117 -30.32 -17.32 40.61
CA ALA B 117 -31.53 -16.51 40.65
C ALA B 117 -31.19 -15.08 41.04
N PRO B 118 -31.71 -14.09 40.32
CA PRO B 118 -31.44 -12.70 40.67
C PRO B 118 -32.27 -12.24 41.85
N THR B 119 -31.61 -11.51 42.75
CA THR B 119 -32.28 -10.93 43.91
C THR B 119 -32.83 -9.57 43.51
N VAL B 120 -34.14 -9.41 43.57
CA VAL B 120 -34.81 -8.19 43.12
C VAL B 120 -35.18 -7.35 44.33
N SER B 121 -34.89 -6.05 44.25
CA SER B 121 -35.20 -5.14 45.35
C SER B 121 -35.70 -3.83 44.77
N ILE B 122 -36.86 -3.38 45.22
CA ILE B 122 -37.50 -2.16 44.74
C ILE B 122 -37.40 -1.10 45.81
N PHE B 123 -37.02 0.11 45.41
CA PHE B 123 -37.00 1.23 46.35
C PHE B 123 -37.84 2.39 45.79
N PRO B 124 -38.60 3.05 46.66
CA PRO B 124 -39.35 4.23 46.22
C PRO B 124 -38.41 5.39 45.98
N PRO B 125 -38.84 6.42 45.26
CA PRO B 125 -38.04 7.64 45.17
C PRO B 125 -37.82 8.24 46.55
N SER B 126 -36.64 8.82 46.74
CA SER B 126 -36.28 9.33 48.05
C SER B 126 -37.16 10.52 48.44
N SER B 127 -37.26 10.74 49.75
CA SER B 127 -38.03 11.87 50.25
C SER B 127 -37.49 13.20 49.73
N GLU B 128 -36.18 13.28 49.51
CA GLU B 128 -35.61 14.47 48.90
C GLU B 128 -36.11 14.66 47.47
N GLN B 129 -36.25 13.57 46.73
CA GLN B 129 -36.79 13.65 45.38
C GLN B 129 -38.23 14.14 45.37
N LEU B 130 -38.96 13.98 46.48
CA LEU B 130 -40.33 14.45 46.54
C LEU B 130 -40.40 15.96 46.40
N THR B 131 -39.45 16.67 47.00
CA THR B 131 -39.37 18.12 46.87
C THR B 131 -38.49 18.55 45.69
N SER B 132 -37.96 17.61 44.93
CA SER B 132 -37.09 17.97 43.80
C SER B 132 -37.91 18.33 42.57
N GLY B 133 -38.85 17.46 42.18
CA GLY B 133 -39.67 17.72 41.01
C GLY B 133 -39.83 16.51 40.12
N GLY B 134 -38.82 15.65 40.06
CA GLY B 134 -38.88 14.43 39.28
C GLY B 134 -39.09 13.20 40.14
N ALA B 135 -39.31 12.08 39.46
CA ALA B 135 -39.50 10.80 40.12
C ALA B 135 -38.62 9.75 39.44
N SER B 136 -38.01 8.88 40.25
CA SER B 136 -37.11 7.87 39.72
C SER B 136 -37.20 6.64 40.61
N VAL B 137 -37.98 5.67 40.19
CA VAL B 137 -38.05 4.36 40.84
C VAL B 137 -37.12 3.42 40.10
N VAL B 138 -36.60 2.41 40.79
CA VAL B 138 -35.61 1.52 40.20
C VAL B 138 -35.53 0.25 41.03
N CYS B 139 -35.41 -0.89 40.35
CA CYS B 139 -35.12 -2.17 40.98
C CYS B 139 -33.93 -2.82 40.28
N PHE B 140 -33.07 -3.45 41.07
CA PHE B 140 -31.92 -4.18 40.54
C PHE B 140 -32.17 -5.68 40.54
N LEU B 141 -31.56 -6.35 39.59
CA LEU B 141 -31.39 -7.80 39.61
C LEU B 141 -29.90 -8.04 39.79
N ASN B 142 -29.51 -8.57 40.96
CA ASN B 142 -28.12 -8.66 41.34
C ASN B 142 -27.67 -10.12 41.37
N ASN B 143 -26.45 -10.35 40.92
CA ASN B 143 -25.76 -11.65 41.03
C ASN B 143 -26.56 -12.76 40.34
N PHE B 144 -26.67 -12.62 39.01
CA PHE B 144 -27.43 -13.56 38.20
C PHE B 144 -26.64 -13.92 36.94
N TYR B 145 -27.24 -14.76 36.10
CA TYR B 145 -26.64 -15.34 34.91
C TYR B 145 -27.76 -15.91 34.06
N PRO B 146 -27.89 -15.57 32.76
CA PRO B 146 -27.08 -14.67 31.94
C PRO B 146 -27.67 -13.30 31.65
N LYS B 147 -26.99 -12.57 30.76
CA LYS B 147 -27.43 -11.25 30.36
C LYS B 147 -28.86 -11.25 29.80
N ASP B 148 -29.32 -12.38 29.28
CA ASP B 148 -30.66 -12.49 28.73
C ASP B 148 -31.67 -12.41 29.87
N ILE B 149 -32.27 -11.24 30.06
CA ILE B 149 -33.26 -11.03 31.10
C ILE B 149 -34.13 -9.85 30.70
N ASN B 150 -35.31 -9.77 31.31
CA ASN B 150 -36.27 -8.73 30.99
C ASN B 150 -36.80 -8.12 32.27
N VAL B 151 -37.18 -6.84 32.20
CA VAL B 151 -37.75 -6.12 33.32
C VAL B 151 -39.07 -5.50 32.86
N LYS B 152 -40.11 -5.67 33.66
CA LYS B 152 -41.44 -5.18 33.32
C LYS B 152 -41.85 -4.08 34.29
N TRP B 153 -42.64 -3.15 33.78
CA TRP B 153 -43.11 -1.99 34.53
C TRP B 153 -44.63 -2.04 34.58
N LYS B 154 -45.16 -2.75 35.57
CA LYS B 154 -46.61 -2.93 35.74
C LYS B 154 -47.06 -2.11 36.94
N ILE B 155 -47.78 -1.02 36.69
CA ILE B 155 -48.25 -0.11 37.74
C ILE B 155 -49.76 -0.16 37.76
N ASP B 156 -50.33 -0.47 38.93
CA ASP B 156 -51.78 -0.57 39.13
C ASP B 156 -52.42 -1.53 38.13
N GLY B 157 -51.71 -2.60 37.78
CA GLY B 157 -52.22 -3.54 36.81
C GLY B 157 -52.12 -3.08 35.37
N SER B 158 -51.50 -1.94 35.11
CA SER B 158 -51.36 -1.41 33.77
C SER B 158 -49.92 -1.56 33.29
N GLU B 159 -49.74 -1.51 31.98
CA GLU B 159 -48.45 -1.73 31.34
C GLU B 159 -48.01 -0.48 30.60
N ARG B 160 -46.75 -0.11 30.77
CA ARG B 160 -46.15 1.00 30.04
C ARG B 160 -44.75 0.61 29.59
N GLN B 161 -44.25 1.32 28.59
CA GLN B 161 -42.94 1.06 28.02
C GLN B 161 -41.98 2.23 28.18
N ASN B 162 -42.48 3.46 28.07
CA ASN B 162 -41.60 4.62 28.09
C ASN B 162 -41.03 4.84 29.49
N GLY B 163 -39.92 5.59 29.55
CA GLY B 163 -39.29 5.91 30.80
C GLY B 163 -38.34 4.86 31.33
N VAL B 164 -38.04 3.82 30.56
CA VAL B 164 -37.17 2.75 31.02
C VAL B 164 -35.74 3.03 30.55
N LEU B 165 -34.78 2.68 31.38
CA LEU B 165 -33.36 2.75 31.05
C LEU B 165 -32.69 1.46 31.51
N ASN B 166 -31.72 0.99 30.74
CA ASN B 166 -31.08 -0.28 31.00
C ASN B 166 -29.57 -0.12 31.14
N SER B 167 -28.97 -0.97 31.98
CA SER B 167 -27.53 -0.90 32.20
C SER B 167 -27.07 -2.24 32.74
N TRP B 168 -26.22 -2.93 31.99
CA TRP B 168 -25.59 -4.17 32.40
C TRP B 168 -24.14 -3.90 32.78
N THR B 169 -23.60 -4.77 33.64
CA THR B 169 -22.21 -4.68 34.04
C THR B 169 -21.45 -5.91 33.57
N ASP B 170 -20.16 -5.75 33.33
CA ASP B 170 -19.33 -6.87 32.94
C ASP B 170 -19.21 -7.86 34.08
N GLN B 171 -18.76 -9.06 33.74
CA GLN B 171 -18.69 -10.15 34.71
C GLN B 171 -17.80 -9.77 35.88
N ASP B 172 -18.26 -10.11 37.09
CA ASP B 172 -17.44 -9.90 38.27
C ASP B 172 -16.23 -10.82 38.21
N SER B 173 -15.13 -10.36 38.80
CA SER B 173 -13.91 -11.15 38.79
C SER B 173 -14.09 -12.47 39.53
N LYS B 174 -14.78 -12.45 40.68
CA LYS B 174 -14.88 -13.63 41.52
C LYS B 174 -16.10 -14.48 41.17
N ASP B 175 -17.30 -13.91 41.31
CA ASP B 175 -18.51 -14.70 41.09
C ASP B 175 -18.82 -14.90 39.62
N SER B 176 -18.27 -14.07 38.74
CA SER B 176 -18.52 -14.15 37.29
C SER B 176 -20.02 -14.08 37.00
N THR B 177 -20.67 -13.06 37.55
CA THR B 177 -22.09 -12.84 37.39
C THR B 177 -22.35 -11.45 36.81
N TYR B 178 -23.62 -11.09 36.74
CA TYR B 178 -24.07 -9.84 36.15
C TYR B 178 -24.88 -9.03 37.16
N SER B 179 -25.32 -7.85 36.72
CA SER B 179 -26.15 -6.98 37.53
C SER B 179 -27.10 -6.22 36.61
N MET B 180 -28.19 -5.74 37.17
CA MET B 180 -29.24 -5.11 36.38
C MET B 180 -29.67 -3.81 37.05
N SER B 181 -30.14 -2.88 36.23
CA SER B 181 -30.65 -1.61 36.75
C SER B 181 -31.68 -1.07 35.77
N SER B 182 -32.92 -1.02 36.19
CA SER B 182 -34.01 -0.48 35.38
C SER B 182 -34.63 0.67 36.16
N THR B 183 -34.29 1.90 35.79
CA THR B 183 -34.82 3.08 36.45
C THR B 183 -35.94 3.69 35.61
N LEU B 184 -37.04 4.02 36.25
CA LEU B 184 -38.21 4.57 35.57
C LEU B 184 -38.40 6.01 36.03
N THR B 185 -38.51 6.92 35.07
CA THR B 185 -38.62 8.34 35.36
C THR B 185 -40.04 8.82 35.07
N LEU B 186 -40.64 9.47 36.06
CA LEU B 186 -41.97 10.06 35.94
C LEU B 186 -41.97 11.40 36.64
N THR B 187 -43.11 12.09 36.59
CA THR B 187 -43.29 13.35 37.27
C THR B 187 -44.18 13.17 38.49
N LYS B 188 -44.45 14.28 39.18
CA LYS B 188 -45.09 14.19 40.49
C LYS B 188 -46.55 13.80 40.37
N ASP B 189 -47.25 14.30 39.35
CA ASP B 189 -48.68 14.04 39.24
C ASP B 189 -48.97 12.56 39.07
N GLU B 190 -48.21 11.89 38.19
CA GLU B 190 -48.41 10.45 38.03
C GLU B 190 -47.96 9.68 39.25
N TYR B 191 -46.96 10.18 39.98
CA TYR B 191 -46.50 9.51 41.18
C TYR B 191 -47.61 9.44 42.22
N GLU B 192 -48.24 10.58 42.50
CA GLU B 192 -49.34 10.60 43.47
C GLU B 192 -50.61 9.98 42.90
N ARG B 193 -50.73 9.89 41.57
CA ARG B 193 -51.92 9.32 40.96
C ARG B 193 -52.01 7.82 41.21
N HIS B 194 -50.88 7.13 41.18
CA HIS B 194 -50.84 5.68 41.30
C HIS B 194 -50.55 5.24 42.73
N ASN B 195 -50.85 3.97 43.00
CA ASN B 195 -50.72 3.40 44.34
C ASN B 195 -49.65 2.33 44.38
N SER B 196 -49.75 1.32 43.51
CA SER B 196 -48.86 0.17 43.53
C SER B 196 -47.77 0.34 42.48
N TYR B 197 -46.52 0.35 42.94
CA TYR B 197 -45.36 0.42 42.06
C TYR B 197 -44.69 -0.95 42.07
N THR B 198 -44.79 -1.67 40.96
CA THR B 198 -44.28 -3.04 40.86
C THR B 198 -43.36 -3.15 39.66
N CYS B 199 -42.33 -3.99 39.78
CA CYS B 199 -41.48 -4.35 38.65
C CYS B 199 -41.34 -5.86 38.61
N GLU B 200 -41.51 -6.42 37.41
CA GLU B 200 -41.41 -7.86 37.21
C GLU B 200 -40.15 -8.19 36.42
N ALA B 201 -39.78 -9.46 36.45
CA ALA B 201 -38.60 -9.92 35.73
C ALA B 201 -38.78 -11.39 35.39
N THR B 202 -38.38 -11.76 34.17
CA THR B 202 -38.46 -13.13 33.69
C THR B 202 -37.05 -13.67 33.50
N HIS B 203 -36.80 -14.86 34.03
CA HIS B 203 -35.48 -15.46 33.97
C HIS B 203 -35.59 -16.97 34.04
N LYS B 204 -34.51 -17.65 33.65
CA LYS B 204 -34.52 -19.11 33.60
C LYS B 204 -34.71 -19.72 34.98
N THR B 205 -34.11 -19.12 36.00
CA THR B 205 -34.14 -19.71 37.34
C THR B 205 -35.56 -19.82 37.86
N SER B 206 -36.37 -18.77 37.67
CA SER B 206 -37.74 -18.75 38.15
C SER B 206 -38.68 -19.00 36.97
N THR B 207 -39.35 -20.15 36.98
CA THR B 207 -40.29 -20.45 35.91
C THR B 207 -41.41 -19.43 35.87
N SER B 208 -41.94 -19.06 37.02
CA SER B 208 -42.87 -17.94 37.11
C SER B 208 -42.09 -16.65 37.28
N PRO B 209 -42.38 -15.62 36.49
CA PRO B 209 -41.63 -14.36 36.62
C PRO B 209 -41.73 -13.80 38.03
N ILE B 210 -40.60 -13.31 38.52
CA ILE B 210 -40.53 -12.79 39.88
C ILE B 210 -41.18 -11.40 39.92
N VAL B 211 -42.10 -11.21 40.85
CA VAL B 211 -42.79 -9.95 41.02
C VAL B 211 -42.47 -9.43 42.42
N LYS B 212 -41.86 -8.25 42.49
CA LYS B 212 -41.65 -7.56 43.76
C LYS B 212 -42.48 -6.28 43.72
N SER B 213 -43.39 -6.15 44.67
CA SER B 213 -44.39 -5.09 44.66
C SER B 213 -44.46 -4.42 46.02
N PHE B 214 -44.64 -3.11 46.02
CA PHE B 214 -44.93 -2.36 47.22
C PHE B 214 -45.94 -1.26 46.90
N ASN B 215 -46.64 -0.81 47.93
CA ASN B 215 -47.66 0.23 47.77
C ASN B 215 -47.17 1.54 48.37
N ARG B 216 -47.83 2.63 47.94
CA ARG B 216 -47.44 3.95 48.41
C ARG B 216 -47.90 4.19 49.84
N ASN B 217 -49.10 3.71 50.19
CA ASN B 217 -49.68 4.03 51.50
C ASN B 217 -48.91 3.42 52.66
N GLU B 218 -48.13 2.38 52.42
CA GLU B 218 -47.33 1.77 53.47
C GLU B 218 -45.97 2.45 53.65
N CYS B 219 -45.68 3.47 52.84
CA CYS B 219 -44.42 4.19 52.96
C CYS B 219 -44.67 5.70 52.93
N GLN C 1 2.55 -14.36 -17.64
CA GLN C 1 1.78 -13.59 -16.68
C GLN C 1 1.20 -12.34 -17.34
N VAL C 2 1.37 -11.20 -16.67
CA VAL C 2 0.86 -9.94 -17.19
C VAL C 2 1.81 -9.43 -18.26
N GLN C 3 1.29 -9.22 -19.46
CA GLN C 3 2.06 -8.73 -20.60
C GLN C 3 1.49 -7.40 -21.04
N LEU C 4 2.36 -6.44 -21.31
CA LEU C 4 1.97 -5.11 -21.72
C LEU C 4 2.29 -4.91 -23.20
N GLN C 5 1.39 -4.24 -23.91
CA GLN C 5 1.60 -3.91 -25.31
C GLN C 5 1.30 -2.44 -25.53
N GLN C 6 2.04 -1.81 -26.43
CA GLN C 6 1.90 -0.38 -26.67
C GLN C 6 1.66 -0.11 -28.14
N SER C 7 1.05 1.04 -28.41
CA SER C 7 0.80 1.47 -29.77
C SER C 7 0.64 2.98 -29.77
N GLY C 8 1.16 3.61 -30.82
CA GLY C 8 1.08 5.04 -30.96
C GLY C 8 2.00 5.55 -32.05
N PRO C 9 1.92 6.84 -32.36
CA PRO C 9 2.75 7.40 -33.42
C PRO C 9 4.12 7.82 -32.93
N GLY C 10 5.17 7.37 -33.60
CA GLY C 10 6.52 7.73 -33.23
C GLY C 10 7.01 9.06 -33.73
N LEU C 11 6.22 9.75 -34.55
CA LEU C 11 6.59 11.05 -35.09
C LEU C 11 5.54 12.07 -34.69
N VAL C 12 5.98 13.16 -34.08
CA VAL C 12 5.09 14.23 -33.62
C VAL C 12 5.77 15.56 -33.89
N LYS C 13 5.23 16.33 -34.84
CA LYS C 13 5.72 17.69 -35.06
C LYS C 13 5.39 18.55 -33.84
N PRO C 14 6.16 19.61 -33.59
CA PRO C 14 6.05 20.31 -32.31
C PRO C 14 4.74 21.07 -32.15
N SER C 15 4.38 21.27 -30.87
CA SER C 15 3.35 22.23 -30.44
C SER C 15 1.93 21.78 -30.78
N GLN C 16 1.63 20.51 -30.54
CA GLN C 16 0.24 20.08 -30.38
C GLN C 16 0.24 18.91 -29.40
N THR C 17 -0.84 18.15 -29.39
CA THR C 17 -1.02 17.04 -28.46
C THR C 17 -0.60 15.73 -29.13
N LEU C 18 0.22 14.96 -28.43
CA LEU C 18 0.57 13.60 -28.82
C LEU C 18 -0.12 12.63 -27.88
N SER C 19 -0.26 11.38 -28.33
CA SER C 19 -0.97 10.39 -27.53
C SER C 19 -0.36 9.01 -27.75
N LEU C 20 -0.23 8.27 -26.64
CA LEU C 20 0.20 6.88 -26.69
C LEU C 20 -0.89 5.98 -26.12
N THR C 21 -0.96 4.76 -26.63
CA THR C 21 -1.93 3.77 -26.17
C THR C 21 -1.16 2.57 -25.62
N CYS C 22 -1.42 2.23 -24.37
CA CYS C 22 -0.77 1.11 -23.70
C CYS C 22 -1.83 0.08 -23.35
N GLY C 23 -1.85 -1.02 -24.09
CA GLY C 23 -2.88 -2.04 -23.92
C GLY C 23 -2.46 -3.08 -22.88
N ILE C 24 -3.44 -3.56 -22.12
CA ILE C 24 -3.20 -4.45 -21.00
C ILE C 24 -3.67 -5.84 -21.39
N SER C 25 -2.85 -6.85 -21.09
CA SER C 25 -3.23 -8.25 -21.29
C SER C 25 -2.99 -9.00 -20.00
N GLY C 26 -3.94 -9.86 -19.63
CA GLY C 26 -3.82 -10.68 -18.45
C GLY C 26 -4.26 -10.01 -17.16
N ASP C 27 -4.69 -8.75 -17.21
CA ASP C 27 -5.15 -8.06 -16.01
C ASP C 27 -6.27 -7.10 -16.41
N SER C 28 -6.99 -6.64 -15.41
CA SER C 28 -8.01 -5.62 -15.62
C SER C 28 -7.48 -4.27 -15.18
N VAL C 29 -7.70 -3.24 -16.00
CA VAL C 29 -7.20 -1.91 -15.67
C VAL C 29 -7.80 -1.44 -14.36
N SER C 30 -9.06 -1.75 -14.11
CA SER C 30 -9.74 -1.34 -12.90
C SER C 30 -9.46 -2.25 -11.71
N SER C 31 -8.40 -3.04 -11.75
CA SER C 31 -8.08 -3.89 -10.62
C SER C 31 -7.67 -3.05 -9.43
N ASP C 32 -8.07 -3.48 -8.24
CA ASP C 32 -7.75 -2.76 -7.01
C ASP C 32 -6.44 -3.20 -6.40
N ALA C 33 -5.67 -4.04 -7.08
CA ALA C 33 -4.41 -4.55 -6.57
C ALA C 33 -3.22 -4.08 -7.39
N ALA C 34 -3.37 -2.99 -8.12
CA ALA C 34 -2.29 -2.49 -8.96
C ALA C 34 -2.51 -1.02 -9.25
N ALA C 35 -1.46 -0.37 -9.76
CA ALA C 35 -1.54 0.98 -10.27
C ALA C 35 -0.71 1.06 -11.53
N TRP C 36 -1.02 2.03 -12.38
CA TRP C 36 -0.37 2.14 -13.69
C TRP C 36 0.41 3.45 -13.75
N ASP C 37 1.71 3.34 -14.04
CA ASP C 37 2.59 4.48 -14.15
C ASP C 37 2.84 4.81 -15.61
N TRP C 38 3.52 5.93 -15.84
CA TRP C 38 4.00 6.31 -17.16
C TRP C 38 5.40 6.89 -16.98
N ILE C 39 6.42 6.14 -17.40
CA ILE C 39 7.81 6.53 -17.19
C ILE C 39 8.46 6.73 -18.53
N ARG C 40 9.15 7.86 -18.70
CA ARG C 40 9.85 8.18 -19.93
C ARG C 40 11.34 8.35 -19.64
N GLN C 41 12.16 7.93 -20.60
CA GLN C 41 13.61 7.92 -20.47
C GLN C 41 14.23 8.73 -21.58
N SER C 42 15.04 9.72 -21.21
CA SER C 42 15.74 10.51 -22.19
C SER C 42 17.24 10.36 -21.98
N PRO C 43 18.02 10.17 -23.06
CA PRO C 43 19.46 9.97 -22.89
C PRO C 43 20.15 11.13 -22.19
N SER C 44 19.72 12.37 -22.46
CA SER C 44 20.34 13.52 -21.82
C SER C 44 19.95 13.63 -20.36
N ARG C 45 18.67 13.46 -20.06
CA ARG C 45 18.16 13.69 -18.72
C ARG C 45 18.21 12.45 -17.83
N GLY C 46 17.83 11.29 -18.37
CA GLY C 46 17.77 10.06 -17.61
C GLY C 46 16.36 9.50 -17.59
N LEU C 47 15.94 9.01 -16.44
CA LEU C 47 14.61 8.48 -16.24
C LEU C 47 13.85 9.34 -15.24
N GLU C 48 12.55 9.50 -15.45
CA GLU C 48 11.71 10.24 -14.52
C GLU C 48 10.28 9.77 -14.65
N TRP C 49 9.58 9.74 -13.52
CA TRP C 49 8.19 9.30 -13.49
C TRP C 49 7.27 10.46 -13.85
N LEU C 50 6.37 10.24 -14.80
CA LEU C 50 5.47 11.28 -15.28
C LEU C 50 4.17 11.32 -14.50
N GLY C 51 3.41 10.23 -14.53
CA GLY C 51 2.10 10.25 -13.90
C GLY C 51 1.64 8.85 -13.56
N ARG C 52 0.59 8.80 -12.74
CA ARG C 52 0.08 7.54 -12.22
C ARG C 52 -1.44 7.58 -12.20
N THR C 53 -2.05 6.41 -12.34
CA THR C 53 -3.50 6.29 -12.21
C THR C 53 -3.84 4.93 -11.62
N PHE C 54 -4.98 4.86 -10.95
CA PHE C 54 -5.46 3.62 -10.36
C PHE C 54 -6.97 3.75 -10.14
N TYR C 55 -7.54 2.82 -9.39
CA TYR C 55 -9.00 2.77 -9.21
C TYR C 55 -9.31 2.30 -7.81
N ARG C 56 -10.00 3.15 -7.04
CA ARG C 56 -10.52 2.76 -5.72
C ARG C 56 -12.04 2.77 -5.70
N SER C 57 -12.64 3.90 -5.98
CA SER C 57 -14.07 4.06 -6.19
C SER C 57 -14.37 4.81 -7.48
N ARG C 58 -13.55 5.80 -7.82
CA ARG C 58 -13.57 6.48 -9.10
C ARG C 58 -12.14 6.54 -9.60
N TRP C 59 -11.98 6.93 -10.87
CA TRP C 59 -10.64 7.06 -11.43
C TRP C 59 -9.87 8.15 -10.70
N HIS C 60 -8.66 7.83 -10.26
CA HIS C 60 -7.77 8.78 -9.64
C HIS C 60 -6.66 9.17 -10.61
N HIS C 61 -5.96 10.25 -10.28
CA HIS C 61 -4.83 10.70 -11.07
C HIS C 61 -3.76 11.23 -10.14
N ASP C 62 -2.52 11.17 -10.63
CA ASP C 62 -1.39 11.76 -9.94
C ASP C 62 -0.33 12.09 -10.98
N TYR C 63 0.24 13.28 -10.89
CA TYR C 63 1.19 13.73 -11.90
C TYR C 63 2.39 14.36 -11.22
N SER C 64 3.53 14.30 -11.90
CA SER C 64 4.74 14.95 -11.42
C SER C 64 4.74 16.41 -11.86
N GLU C 65 5.31 17.27 -11.03
CA GLU C 65 5.31 18.70 -11.31
C GLU C 65 6.11 19.05 -12.55
N SER C 66 6.94 18.13 -13.04
CA SER C 66 7.74 18.43 -14.22
C SER C 66 6.86 18.68 -15.44
N VAL C 67 5.80 17.89 -15.62
CA VAL C 67 4.98 17.99 -16.82
C VAL C 67 3.54 18.28 -16.44
N LYS C 68 3.34 18.97 -15.33
CA LYS C 68 1.99 19.31 -14.89
C LYS C 68 1.32 20.25 -15.88
N ASN C 69 -0.01 20.21 -15.90
CA ASN C 69 -0.88 21.07 -16.71
C ASN C 69 -0.80 20.76 -18.19
N ARG C 70 -0.13 19.68 -18.59
CA ARG C 70 -0.12 19.29 -19.99
C ARG C 70 -0.24 17.79 -20.18
N ILE C 71 -0.49 17.03 -19.12
CA ILE C 71 -0.56 15.58 -19.19
C ILE C 71 -1.87 15.12 -18.57
N THR C 72 -2.53 14.15 -19.23
CA THR C 72 -3.78 13.60 -18.72
C THR C 72 -3.79 12.11 -19.03
N ILE C 73 -3.82 11.30 -17.99
CA ILE C 73 -3.78 9.84 -18.12
C ILE C 73 -5.20 9.33 -17.97
N ASN C 74 -5.83 9.03 -19.10
CA ASN C 74 -7.22 8.59 -19.12
C ASN C 74 -7.27 7.07 -19.21
N ALA C 75 -7.93 6.45 -18.25
CA ALA C 75 -8.13 5.01 -18.29
C ALA C 75 -9.31 4.67 -19.19
N ASP C 76 -9.42 3.39 -19.54
CA ASP C 76 -10.52 2.93 -20.38
C ASP C 76 -10.71 1.45 -20.08
N THR C 77 -11.71 1.14 -19.26
CA THR C 77 -11.98 -0.25 -18.90
C THR C 77 -12.74 -1.01 -19.97
N SER C 78 -13.31 -0.31 -20.96
CA SER C 78 -14.09 -0.99 -21.99
C SER C 78 -13.20 -1.91 -22.83
N LYS C 79 -12.10 -1.38 -23.35
CA LYS C 79 -11.15 -2.17 -24.11
C LYS C 79 -9.92 -2.55 -23.28
N ASN C 80 -9.97 -2.32 -21.97
CA ASN C 80 -8.90 -2.73 -21.05
C ASN C 80 -7.56 -2.11 -21.46
N GLN C 81 -7.51 -0.78 -21.42
CA GLN C 81 -6.31 -0.05 -21.76
C GLN C 81 -6.34 1.30 -21.07
N PHE C 82 -5.17 1.93 -21.00
CA PHE C 82 -5.08 3.32 -20.56
C PHE C 82 -4.07 4.04 -21.43
N SER C 83 -4.29 5.34 -21.61
CA SER C 83 -3.56 6.10 -22.60
C SER C 83 -3.06 7.41 -22.02
N LEU C 84 -1.92 7.86 -22.54
CA LEU C 84 -1.32 9.12 -22.17
C LEU C 84 -1.51 10.11 -23.31
N GLN C 85 -1.91 11.33 -22.98
CA GLN C 85 -1.93 12.43 -23.92
C GLN C 85 -1.11 13.58 -23.37
N LEU C 86 -0.14 14.04 -24.16
CA LEU C 86 0.74 15.13 -23.78
C LEU C 86 0.43 16.34 -24.66
N THR C 87 0.15 17.47 -24.02
CA THR C 87 -0.24 18.68 -24.73
C THR C 87 0.93 19.67 -24.74
N SER C 88 0.95 20.50 -25.79
CA SER C 88 1.97 21.53 -25.96
C SER C 88 3.38 20.94 -25.90
N VAL C 89 3.66 20.08 -26.88
CA VAL C 89 4.90 19.34 -26.90
C VAL C 89 6.05 20.25 -27.32
N THR C 90 7.09 20.30 -26.52
CA THR C 90 8.32 21.02 -26.79
C THR C 90 9.37 20.07 -27.34
N PRO C 91 10.37 20.58 -28.07
CA PRO C 91 11.41 19.67 -28.59
C PRO C 91 12.31 19.09 -27.52
N GLU C 92 12.11 19.46 -26.25
CA GLU C 92 12.81 18.85 -25.15
C GLU C 92 12.07 17.65 -24.57
N ASP C 93 10.95 17.26 -25.17
CA ASP C 93 10.18 16.11 -24.70
C ASP C 93 10.41 14.86 -25.54
N THR C 94 11.38 14.89 -26.44
CA THR C 94 11.71 13.69 -27.21
C THR C 94 12.40 12.67 -26.31
N ALA C 95 11.87 11.45 -26.29
CA ALA C 95 12.37 10.39 -25.43
C ALA C 95 11.64 9.12 -25.80
N THR C 96 11.96 8.04 -25.08
CA THR C 96 11.25 6.78 -25.20
C THR C 96 10.30 6.65 -24.01
N TYR C 97 9.03 6.39 -24.30
CA TYR C 97 7.99 6.38 -23.28
C TYR C 97 7.63 4.95 -22.92
N TYR C 98 7.68 4.64 -21.64
CA TYR C 98 7.36 3.31 -21.13
C TYR C 98 6.09 3.38 -20.31
N CYS C 99 5.19 2.43 -20.53
CA CYS C 99 4.01 2.25 -19.69
C CYS C 99 4.28 1.06 -18.77
N ALA C 100 4.03 1.24 -17.48
CA ALA C 100 4.42 0.24 -16.51
C ALA C 100 3.38 0.15 -15.40
N ARG C 101 3.28 -1.03 -14.81
CA ARG C 101 2.28 -1.35 -13.80
C ARG C 101 2.92 -1.36 -12.42
N ALA C 102 2.33 -0.63 -11.48
CA ALA C 102 2.87 -0.58 -10.13
C ALA C 102 2.75 -1.95 -9.47
N GLY C 103 3.58 -2.18 -8.47
CA GLY C 103 3.66 -3.47 -7.85
C GLY C 103 2.74 -3.60 -6.65
N VAL C 104 3.34 -3.70 -5.46
CA VAL C 104 2.55 -3.84 -4.25
C VAL C 104 1.66 -2.61 -4.09
N ARG C 105 0.39 -2.87 -3.79
CA ARG C 105 -0.60 -1.81 -3.60
C ARG C 105 -1.46 -2.06 -2.38
N VAL C 106 -1.16 -3.09 -1.59
CA VAL C 106 -2.07 -3.51 -0.54
C VAL C 106 -2.17 -2.46 0.56
N PHE C 107 -3.20 -2.62 1.40
CA PHE C 107 -3.49 -1.74 2.53
C PHE C 107 -3.83 -0.32 2.11
N GLY C 108 -4.13 -0.10 0.84
CA GLY C 108 -4.53 1.22 0.41
C GLY C 108 -3.41 2.22 0.29
N ILE C 109 -2.17 1.80 0.43
CA ILE C 109 -1.01 2.67 0.21
C ILE C 109 -0.17 2.07 -0.89
N ILE C 110 0.16 2.88 -1.89
CA ILE C 110 0.86 2.40 -3.08
C ILE C 110 2.36 2.54 -2.85
N VAL C 111 3.10 1.48 -3.15
CA VAL C 111 4.55 1.48 -3.06
C VAL C 111 5.09 1.39 -4.48
N ASN C 112 5.90 2.36 -4.87
CA ASN C 112 6.36 2.45 -6.25
C ASN C 112 7.47 1.45 -6.49
N SER C 113 7.10 0.30 -7.06
CA SER C 113 8.06 -0.71 -7.51
C SER C 113 7.48 -1.31 -8.79
N LEU C 114 7.86 -0.76 -9.93
CA LEU C 114 7.29 -1.15 -11.21
C LEU C 114 7.93 -2.44 -11.71
N ASP C 115 7.11 -3.41 -12.12
CA ASP C 115 7.65 -4.71 -12.43
C ASP C 115 7.13 -5.35 -13.71
N TYR C 116 6.31 -4.66 -14.50
CA TYR C 116 5.79 -5.25 -15.73
C TYR C 116 5.84 -4.25 -16.87
N TRP C 117 7.01 -3.67 -17.07
CA TRP C 117 7.20 -2.64 -18.08
C TRP C 117 6.82 -3.15 -19.47
N GLY C 118 6.21 -2.27 -20.26
CA GLY C 118 5.91 -2.59 -21.64
C GLY C 118 7.14 -2.48 -22.52
N GLN C 119 6.95 -2.81 -23.80
CA GLN C 119 8.07 -2.85 -24.72
C GLN C 119 8.70 -1.48 -24.91
N GLY C 120 7.93 -0.41 -24.72
CA GLY C 120 8.47 0.93 -24.84
C GLY C 120 8.55 1.42 -26.27
N THR C 121 8.02 2.62 -26.53
CA THR C 121 8.12 3.25 -27.83
C THR C 121 8.79 4.61 -27.66
N LEU C 122 9.45 5.05 -28.73
CA LEU C 122 10.15 6.33 -28.71
C LEU C 122 9.39 7.37 -29.50
N VAL C 123 9.39 8.60 -28.99
CA VAL C 123 8.68 9.71 -29.59
C VAL C 123 9.67 10.83 -29.84
N THR C 124 9.69 11.35 -31.06
CA THR C 124 10.59 12.42 -31.43
C THR C 124 9.79 13.65 -31.87
N VAL C 125 10.34 14.82 -31.58
CA VAL C 125 9.70 16.10 -31.88
C VAL C 125 10.46 16.73 -33.04
N SER C 126 9.82 16.78 -34.21
CA SER C 126 10.45 17.36 -35.38
C SER C 126 9.37 17.67 -36.41
N SER C 127 9.57 18.75 -37.17
CA SER C 127 8.64 19.17 -38.21
C SER C 127 8.95 18.53 -39.55
N ALA C 128 9.90 17.61 -39.60
CA ALA C 128 10.26 16.94 -40.85
C ALA C 128 9.21 15.89 -41.18
N SER C 129 9.47 15.09 -42.22
CA SER C 129 8.53 14.08 -42.66
C SER C 129 9.25 12.75 -42.85
N THR C 130 8.55 11.66 -42.51
CA THR C 130 9.11 10.33 -42.69
C THR C 130 9.23 10.00 -44.18
N LYS C 131 10.24 9.19 -44.50
CA LYS C 131 10.42 8.74 -45.87
C LYS C 131 11.14 7.39 -45.86
N GLY C 132 10.97 6.65 -46.96
CA GLY C 132 11.48 5.31 -47.07
C GLY C 132 12.99 5.25 -47.14
N PRO C 133 13.56 4.15 -46.66
CA PRO C 133 15.03 3.99 -46.71
C PRO C 133 15.51 3.30 -47.97
N SER C 134 16.83 3.14 -48.08
CA SER C 134 17.45 2.43 -49.19
C SER C 134 18.39 1.37 -48.63
N VAL C 135 18.55 0.27 -49.38
CA VAL C 135 19.33 -0.87 -48.94
C VAL C 135 20.41 -1.16 -49.97
N PHE C 136 21.64 -1.36 -49.50
CA PHE C 136 22.76 -1.70 -50.36
C PHE C 136 23.52 -2.89 -49.80
N PRO C 137 23.85 -3.87 -50.63
CA PRO C 137 24.61 -5.03 -50.16
C PRO C 137 26.09 -4.73 -50.00
N LEU C 138 26.75 -5.55 -49.20
CA LEU C 138 28.18 -5.41 -48.92
C LEU C 138 28.88 -6.76 -48.99
N ALA C 139 28.62 -7.50 -50.06
CA ALA C 139 29.22 -8.82 -50.24
C ALA C 139 30.74 -8.71 -50.33
N PRO C 140 31.50 -9.39 -49.47
CA PRO C 140 32.95 -9.25 -49.49
C PRO C 140 33.64 -10.23 -50.42
N SER C 141 34.97 -10.21 -50.43
CA SER C 141 35.75 -11.14 -51.24
C SER C 141 35.98 -12.44 -50.49
N THR C 149 37.60 -15.47 -47.62
CA THR C 149 36.51 -15.63 -46.67
C THR C 149 36.39 -14.41 -45.76
N ALA C 150 35.16 -13.95 -45.57
CA ALA C 150 34.90 -12.77 -44.75
C ALA C 150 33.44 -12.83 -44.29
N ALA C 151 32.96 -11.71 -43.76
CA ALA C 151 31.59 -11.60 -43.26
C ALA C 151 30.80 -10.62 -44.13
N LEU C 152 29.58 -11.01 -44.47
CA LEU C 152 28.72 -10.23 -45.36
C LEU C 152 27.56 -9.63 -44.58
N GLY C 153 26.88 -8.68 -45.21
CA GLY C 153 25.74 -8.04 -44.59
C GLY C 153 25.13 -7.02 -45.52
N CYS C 154 24.04 -6.42 -45.05
CA CYS C 154 23.32 -5.40 -45.80
C CYS C 154 23.20 -4.13 -44.95
N LEU C 155 23.28 -2.98 -45.61
CA LEU C 155 23.25 -1.69 -44.95
C LEU C 155 22.02 -0.92 -45.39
N VAL C 156 21.49 -0.12 -44.48
CA VAL C 156 20.36 0.76 -44.74
C VAL C 156 20.83 2.20 -44.54
N LYS C 157 20.40 3.08 -45.46
CA LYS C 157 20.90 4.45 -45.49
C LYS C 157 19.75 5.42 -45.67
N ASP C 158 19.86 6.58 -45.02
CA ASP C 158 18.95 7.71 -45.21
C ASP C 158 17.51 7.31 -44.89
N TYR C 159 17.29 7.01 -43.61
CA TYR C 159 15.97 6.65 -43.11
C TYR C 159 15.59 7.56 -41.95
N PHE C 160 14.28 7.80 -41.80
CA PHE C 160 13.75 8.58 -40.70
C PHE C 160 12.27 8.26 -40.54
N PRO C 161 11.75 8.17 -39.31
CA PRO C 161 12.46 8.23 -38.03
C PRO C 161 12.66 6.85 -37.43
N GLU C 162 13.21 6.78 -36.22
CA GLU C 162 13.48 5.51 -35.59
C GLU C 162 12.17 4.82 -35.23
N PRO C 163 12.19 3.49 -35.06
CA PRO C 163 13.31 2.57 -35.24
C PRO C 163 13.16 1.69 -36.49
N VAL C 164 14.13 0.81 -36.74
CA VAL C 164 14.03 -0.18 -37.79
C VAL C 164 14.42 -1.53 -37.22
N THR C 165 13.92 -2.59 -37.85
CA THR C 165 14.21 -3.96 -37.45
C THR C 165 14.84 -4.68 -38.62
N VAL C 166 15.97 -5.33 -38.36
CA VAL C 166 16.71 -6.06 -39.39
C VAL C 166 16.71 -7.54 -39.01
N SER C 167 16.25 -8.38 -39.94
CA SER C 167 16.19 -9.81 -39.74
C SER C 167 16.90 -10.51 -40.89
N TRP C 168 17.46 -11.68 -40.59
CA TRP C 168 18.18 -12.46 -41.58
C TRP C 168 17.36 -13.70 -41.91
N ASN C 169 16.94 -13.81 -43.17
CA ASN C 169 16.12 -14.94 -43.64
C ASN C 169 14.88 -15.10 -42.76
N SER C 170 14.23 -13.96 -42.46
CA SER C 170 13.02 -13.93 -41.65
C SER C 170 13.24 -14.57 -40.29
N GLY C 171 14.39 -14.28 -39.68
CA GLY C 171 14.70 -14.79 -38.36
C GLY C 171 15.26 -16.20 -38.33
N ALA C 172 15.55 -16.79 -39.50
CA ALA C 172 16.13 -18.13 -39.50
C ALA C 172 17.50 -18.14 -38.85
N LEU C 173 18.31 -17.12 -39.11
CA LEU C 173 19.65 -17.00 -38.54
C LEU C 173 19.65 -15.88 -37.53
N THR C 174 20.09 -16.18 -36.30
CA THR C 174 20.14 -15.19 -35.24
C THR C 174 21.48 -15.13 -34.52
N SER C 175 22.40 -16.04 -34.80
CA SER C 175 23.72 -16.03 -34.19
C SER C 175 24.75 -15.52 -35.20
N GLY C 176 25.67 -14.69 -34.72
CA GLY C 176 26.66 -14.10 -35.58
C GLY C 176 26.21 -12.90 -36.37
N VAL C 177 24.99 -12.40 -36.11
CA VAL C 177 24.44 -11.23 -36.78
C VAL C 177 24.50 -10.05 -35.82
N HIS C 178 25.00 -8.92 -36.30
CA HIS C 178 25.16 -7.72 -35.49
C HIS C 178 24.34 -6.59 -36.09
N THR C 179 23.54 -5.94 -35.25
CA THR C 179 22.79 -4.75 -35.64
C THR C 179 23.36 -3.54 -34.92
N PHE C 180 23.45 -2.41 -35.62
CA PHE C 180 24.15 -1.27 -35.07
C PHE C 180 23.16 -0.16 -34.69
N PRO C 181 23.47 0.65 -33.68
CA PRO C 181 22.59 1.76 -33.35
C PRO C 181 22.58 2.81 -34.45
N ALA C 182 21.46 3.53 -34.53
CA ALA C 182 21.31 4.57 -35.54
C ALA C 182 22.27 5.72 -35.27
N VAL C 183 22.77 6.32 -36.34
CA VAL C 183 23.70 7.44 -36.27
C VAL C 183 23.14 8.59 -37.10
N LEU C 184 23.08 9.77 -36.50
CA LEU C 184 22.61 10.95 -37.22
C LEU C 184 23.67 11.43 -38.20
N GLN C 185 23.24 11.76 -39.41
CA GLN C 185 24.15 12.31 -40.42
C GLN C 185 23.92 13.82 -40.53
N SER C 186 24.72 14.46 -41.39
CA SER C 186 24.68 15.91 -41.50
C SER C 186 23.34 16.39 -42.04
N SER C 187 22.80 15.71 -43.05
CA SER C 187 21.58 16.18 -43.71
C SER C 187 20.34 16.02 -42.85
N GLY C 188 20.43 15.33 -41.72
CA GLY C 188 19.29 15.08 -40.87
C GLY C 188 18.64 13.72 -41.03
N LEU C 189 19.41 12.72 -41.42
CA LEU C 189 18.91 11.36 -41.61
C LEU C 189 19.67 10.41 -40.68
N TYR C 190 19.31 9.14 -40.75
CA TYR C 190 19.92 8.12 -39.91
C TYR C 190 20.22 6.88 -40.75
N SER C 191 21.19 6.10 -40.28
CA SER C 191 21.63 4.92 -40.99
C SER C 191 22.16 3.89 -40.00
N LEU C 192 22.20 2.64 -40.45
CA LEU C 192 22.77 1.54 -39.68
C LEU C 192 23.05 0.39 -40.63
N SER C 193 23.63 -0.67 -40.10
CA SER C 193 24.06 -1.79 -40.94
C SER C 193 23.95 -3.09 -40.15
N SER C 194 24.01 -4.19 -40.90
CA SER C 194 23.99 -5.53 -40.32
C SER C 194 25.12 -6.34 -40.94
N VAL C 195 25.74 -7.21 -40.14
CA VAL C 195 26.85 -8.04 -40.58
C VAL C 195 26.67 -9.45 -40.02
N VAL C 196 26.97 -10.45 -40.86
CA VAL C 196 26.94 -11.85 -40.44
C VAL C 196 28.18 -12.55 -41.00
N THR C 197 28.75 -13.45 -40.19
CA THR C 197 29.90 -14.24 -40.61
C THR C 197 29.43 -15.56 -41.22
N VAL C 198 30.26 -16.11 -42.11
CA VAL C 198 29.86 -17.29 -42.89
C VAL C 198 31.04 -18.24 -43.01
N PRO C 199 30.74 -19.52 -43.19
CA PRO C 199 31.75 -20.46 -43.68
C PRO C 199 32.03 -20.23 -45.16
N SER C 200 33.20 -20.73 -45.60
CA SER C 200 33.60 -20.54 -46.99
C SER C 200 32.68 -21.30 -47.94
N SER C 201 32.36 -22.56 -47.62
CA SER C 201 31.53 -23.37 -48.49
C SER C 201 30.06 -22.99 -48.42
N SER C 202 29.66 -22.14 -47.48
CA SER C 202 28.26 -21.77 -47.35
C SER C 202 27.78 -20.88 -48.48
N LEU C 203 28.66 -20.04 -49.03
CA LEU C 203 28.26 -19.10 -50.07
C LEU C 203 27.83 -19.80 -51.35
N GLY C 204 28.30 -21.03 -51.58
CA GLY C 204 27.96 -21.74 -52.81
C GLY C 204 26.62 -22.45 -52.76
N THR C 205 26.15 -22.76 -51.56
CA THR C 205 24.90 -23.51 -51.39
C THR C 205 23.84 -22.75 -50.59
N GLN C 206 24.23 -22.09 -49.50
CA GLN C 206 23.24 -21.46 -48.63
C GLN C 206 22.72 -20.17 -49.25
N THR C 207 21.42 -19.94 -49.09
CA THR C 207 20.75 -18.76 -49.62
C THR C 207 20.60 -17.73 -48.52
N TYR C 208 20.99 -16.49 -48.81
CA TYR C 208 20.95 -15.39 -47.85
C TYR C 208 20.07 -14.28 -48.39
N ILE C 209 19.00 -13.97 -47.66
CA ILE C 209 18.13 -12.84 -47.98
C ILE C 209 17.79 -12.11 -46.68
N CYS C 210 18.36 -10.93 -46.48
CA CYS C 210 18.10 -10.17 -45.27
C CYS C 210 16.88 -9.29 -45.46
N ASN C 211 16.25 -8.96 -44.33
CA ASN C 211 14.97 -8.25 -44.33
C ASN C 211 15.07 -7.02 -43.44
N VAL C 212 14.48 -5.92 -43.91
CA VAL C 212 14.47 -4.66 -43.18
C VAL C 212 13.04 -4.13 -43.16
N ASN C 213 12.59 -3.69 -41.98
CA ASN C 213 11.25 -3.17 -41.79
C ASN C 213 11.32 -1.78 -41.17
N HIS C 214 10.49 -0.88 -41.66
CA HIS C 214 10.38 0.48 -41.14
C HIS C 214 8.90 0.79 -40.95
N LYS C 215 8.41 0.65 -39.73
CA LYS C 215 6.98 0.78 -39.47
C LYS C 215 6.41 2.16 -39.83
N PRO C 216 7.04 3.28 -39.47
CA PRO C 216 6.42 4.58 -39.80
C PRO C 216 6.17 4.78 -41.29
N SER C 217 7.05 4.29 -42.15
CA SER C 217 6.87 4.43 -43.59
C SER C 217 6.16 3.24 -44.21
N ASN C 218 5.82 2.22 -43.42
CA ASN C 218 5.12 1.02 -43.92
C ASN C 218 5.88 0.37 -45.06
N THR C 219 7.20 0.24 -44.90
CA THR C 219 8.06 -0.30 -45.92
C THR C 219 8.61 -1.65 -45.47
N LYS C 220 8.63 -2.61 -46.39
CA LYS C 220 9.13 -3.96 -46.11
C LYS C 220 9.94 -4.40 -47.32
N VAL C 221 11.26 -4.31 -47.21
CA VAL C 221 12.17 -4.60 -48.31
C VAL C 221 12.95 -5.87 -47.98
N ASP C 222 12.95 -6.81 -48.91
CA ASP C 222 13.70 -8.05 -48.80
C ASP C 222 14.71 -8.11 -49.94
N LYS C 223 15.99 -8.21 -49.61
CA LYS C 223 17.06 -8.20 -50.60
C LYS C 223 17.95 -9.41 -50.42
N LYS C 224 18.35 -10.02 -51.53
CA LYS C 224 19.24 -11.18 -51.51
C LYS C 224 20.68 -10.71 -51.73
N VAL C 225 21.58 -11.21 -50.88
CA VAL C 225 23.00 -10.84 -50.93
C VAL C 225 23.79 -12.04 -51.40
N GLU C 226 24.55 -11.87 -52.46
CA GLU C 226 25.39 -12.93 -53.01
C GLU C 226 26.71 -12.33 -53.47
N PRO C 227 27.77 -13.14 -53.47
CA PRO C 227 29.01 -12.71 -54.10
C PRO C 227 28.79 -12.20 -55.53
N LYS C 228 29.62 -11.24 -55.93
CA LYS C 228 29.52 -10.66 -57.25
C LYS C 228 29.81 -11.72 -58.32
N SER C 229 29.05 -11.64 -59.42
CA SER C 229 29.26 -12.58 -60.52
C SER C 229 30.52 -12.26 -61.31
N CYS C 230 30.77 -10.98 -61.58
CA CYS C 230 31.94 -10.57 -62.34
C CYS C 230 32.60 -9.34 -61.71
N ALA D 1 12.88 17.58 -5.40
CA ALA D 1 13.49 18.16 -4.21
C ALA D 1 14.42 17.16 -3.54
N ILE D 2 14.52 15.97 -4.11
CA ILE D 2 15.36 14.90 -3.59
C ILE D 2 16.41 14.57 -4.64
N GLN D 3 17.67 14.54 -4.22
CA GLN D 3 18.79 14.24 -5.11
C GLN D 3 19.37 12.89 -4.74
N LEU D 4 19.52 12.01 -5.72
CA LEU D 4 20.11 10.70 -5.53
C LEU D 4 21.38 10.59 -6.35
N THR D 5 22.44 10.07 -5.74
CA THR D 5 23.71 9.85 -6.41
C THR D 5 23.99 8.37 -6.50
N GLN D 6 24.69 7.98 -7.55
CA GLN D 6 25.06 6.59 -7.79
C GLN D 6 26.58 6.47 -7.76
N SER D 7 27.10 5.63 -6.88
CA SER D 7 28.54 5.46 -6.72
C SER D 7 28.90 4.03 -7.03
N PRO D 8 29.75 3.77 -8.03
CA PRO D 8 30.35 4.73 -8.96
C PRO D 8 29.44 4.98 -10.15
N SER D 9 29.75 6.00 -10.97
CA SER D 9 28.96 6.24 -12.17
C SER D 9 29.10 5.08 -13.16
N SER D 10 30.30 4.54 -13.29
CA SER D 10 30.53 3.41 -14.17
C SER D 10 31.63 2.55 -13.58
N LEU D 11 31.63 1.27 -13.96
CA LEU D 11 32.64 0.34 -13.48
C LEU D 11 32.74 -0.82 -14.47
N SER D 12 33.73 -1.67 -14.23
CA SER D 12 33.95 -2.84 -15.07
C SER D 12 34.62 -3.91 -14.23
N ALA D 13 34.02 -5.09 -14.18
CA ALA D 13 34.52 -6.19 -13.37
C ALA D 13 34.68 -7.43 -14.23
N SER D 14 35.59 -8.31 -13.82
CA SER D 14 35.83 -9.54 -14.55
C SER D 14 34.73 -10.56 -14.26
N VAL D 15 34.80 -11.69 -14.97
CA VAL D 15 33.80 -12.73 -14.82
C VAL D 15 33.88 -13.34 -13.44
N GLY D 16 32.72 -13.53 -12.80
CA GLY D 16 32.66 -14.13 -11.49
C GLY D 16 33.33 -13.31 -10.39
N ASP D 17 33.26 -12.00 -10.48
CA ASP D 17 33.83 -11.10 -9.50
C ASP D 17 32.72 -10.36 -8.78
N ARG D 18 32.74 -10.42 -7.45
CA ARG D 18 31.70 -9.76 -6.66
C ARG D 18 31.84 -8.25 -6.77
N VAL D 19 30.72 -7.58 -7.07
CA VAL D 19 30.69 -6.14 -7.27
C VAL D 19 29.60 -5.53 -6.41
N THR D 20 29.92 -4.43 -5.74
CA THR D 20 28.98 -3.70 -4.91
C THR D 20 28.70 -2.34 -5.54
N ILE D 21 27.42 -1.97 -5.59
CA ILE D 21 26.98 -0.71 -6.17
C ILE D 21 26.14 0.01 -5.14
N THR D 22 26.51 1.24 -4.81
CA THR D 22 25.89 1.99 -3.74
C THR D 22 25.26 3.26 -4.29
N CYS D 23 23.99 3.49 -3.95
CA CYS D 23 23.30 4.72 -4.31
C CYS D 23 22.77 5.35 -3.03
N ARG D 24 22.97 6.65 -2.89
CA ARG D 24 22.72 7.37 -1.65
C ARG D 24 21.51 8.29 -1.80
N ALA D 25 20.73 8.41 -0.74
CA ALA D 25 19.54 9.22 -0.74
C ALA D 25 19.52 10.14 0.48
N SER D 26 19.15 11.40 0.25
CA SER D 26 19.06 12.35 1.36
C SER D 26 17.93 11.99 2.32
N GLN D 27 16.78 11.57 1.79
CA GLN D 27 15.63 11.19 2.58
C GLN D 27 15.48 9.68 2.51
N ALA D 28 16.00 8.99 3.52
CA ALA D 28 16.05 7.53 3.50
C ALA D 28 14.73 6.93 3.95
N THR D 29 14.35 5.82 3.32
CA THR D 29 13.17 5.07 3.76
C THR D 29 13.37 3.57 3.86
N SER D 30 14.26 2.97 3.08
CA SER D 30 14.50 1.52 3.11
C SER D 30 13.22 0.72 2.90
N SER D 31 12.17 1.35 2.41
CA SER D 31 10.90 0.67 2.20
C SER D 31 10.23 0.98 0.88
N TYR D 32 10.58 2.08 0.22
CA TYR D 32 9.93 2.46 -1.03
C TYR D 32 10.89 2.41 -2.22
N LEU D 33 12.13 1.99 -2.01
CA LEU D 33 13.11 2.00 -3.07
C LEU D 33 13.22 0.63 -3.73
N ALA D 34 13.71 0.63 -4.96
CA ALA D 34 13.91 -0.60 -5.71
C ALA D 34 15.02 -0.39 -6.72
N TRP D 35 15.61 -1.50 -7.15
CA TRP D 35 16.70 -1.49 -8.10
C TRP D 35 16.23 -2.10 -9.41
N TYR D 36 16.51 -1.42 -10.52
CA TYR D 36 16.15 -1.91 -11.84
C TYR D 36 17.38 -2.23 -12.66
N GLN D 37 17.34 -3.34 -13.38
CA GLN D 37 18.35 -3.70 -14.36
C GLN D 37 17.79 -3.39 -15.74
N GLN D 38 18.58 -2.68 -16.55
CA GLN D 38 18.17 -2.30 -17.88
C GLN D 38 19.22 -2.75 -18.89
N LYS D 39 18.82 -3.54 -19.82
CA LYS D 39 19.73 -3.76 -20.93
C LYS D 39 19.38 -2.81 -22.06
N PRO D 40 20.37 -2.38 -22.85
CA PRO D 40 20.08 -1.44 -23.94
C PRO D 40 19.11 -2.02 -24.93
N GLY D 41 18.20 -1.18 -25.42
CA GLY D 41 17.19 -1.61 -26.36
C GLY D 41 16.06 -2.42 -25.75
N LYS D 42 16.00 -2.50 -24.42
CA LYS D 42 14.97 -3.27 -23.73
C LYS D 42 14.46 -2.46 -22.57
N ALA D 43 13.23 -2.75 -22.16
CA ALA D 43 12.66 -2.06 -21.01
C ALA D 43 13.39 -2.47 -19.74
N PRO D 44 13.52 -1.55 -18.78
CA PRO D 44 14.11 -1.92 -17.50
C PRO D 44 13.30 -3.01 -16.81
N LYS D 45 14.00 -3.95 -16.19
CA LYS D 45 13.38 -5.06 -15.49
C LYS D 45 13.64 -4.92 -14.00
N LEU D 46 12.62 -5.11 -13.19
CA LEU D 46 12.79 -4.98 -11.75
C LEU D 46 13.71 -6.06 -11.22
N LEU D 47 14.52 -5.71 -10.23
CA LEU D 47 15.47 -6.64 -9.64
C LEU D 47 15.14 -6.95 -8.19
N ILE D 48 15.07 -5.94 -7.34
CA ILE D 48 14.65 -6.10 -5.94
C ILE D 48 13.87 -4.86 -5.52
N TYR D 49 12.87 -5.07 -4.67
CA TYR D 49 12.06 -3.98 -4.15
C TYR D 49 12.06 -4.03 -2.64
N ALA D 50 11.75 -2.88 -2.03
CA ALA D 50 11.83 -2.65 -0.60
C ALA D 50 13.26 -2.78 -0.07
N ALA D 51 14.24 -2.73 -0.98
CA ALA D 51 15.66 -2.67 -0.67
C ALA D 51 16.20 -3.94 -0.04
N SER D 52 15.33 -4.91 0.24
CA SER D 52 15.80 -6.18 0.78
C SER D 52 15.12 -7.41 0.19
N THR D 53 13.99 -7.28 -0.48
CA THR D 53 13.23 -8.43 -0.97
C THR D 53 13.56 -8.68 -2.43
N LEU D 54 13.90 -9.91 -2.75
CA LEU D 54 14.26 -10.28 -4.11
C LEU D 54 13.02 -10.68 -4.89
N GLN D 55 12.90 -10.16 -6.10
CA GLN D 55 11.81 -10.58 -6.97
C GLN D 55 12.03 -12.01 -7.46
N SER D 56 10.93 -12.71 -7.71
CA SER D 56 11.04 -14.06 -8.23
C SER D 56 11.52 -14.05 -9.68
N GLY D 57 12.10 -15.16 -10.11
CA GLY D 57 12.58 -15.30 -11.46
C GLY D 57 14.03 -14.94 -11.63
N VAL D 58 14.40 -13.72 -11.26
CA VAL D 58 15.80 -13.27 -11.40
C VAL D 58 16.68 -14.09 -10.47
N PRO D 59 17.88 -14.49 -10.90
CA PRO D 59 18.73 -15.34 -10.05
C PRO D 59 19.03 -14.70 -8.71
N SER D 60 19.24 -15.56 -7.71
CA SER D 60 19.41 -15.13 -6.33
C SER D 60 20.72 -14.39 -6.09
N ARG D 61 21.63 -14.37 -7.06
CA ARG D 61 22.90 -13.67 -6.87
C ARG D 61 22.74 -12.16 -6.74
N PHE D 62 21.58 -11.63 -7.11
CA PHE D 62 21.29 -10.20 -6.94
C PHE D 62 20.70 -10.00 -5.55
N SER D 63 21.53 -9.57 -4.60
CA SER D 63 21.10 -9.33 -3.24
C SER D 63 21.38 -7.88 -2.87
N GLY D 64 20.44 -7.26 -2.20
CA GLY D 64 20.61 -5.88 -1.75
C GLY D 64 20.22 -5.74 -0.30
N SER D 65 20.95 -4.89 0.41
CA SER D 65 20.69 -4.63 1.81
C SER D 65 21.17 -3.23 2.15
N GLY D 66 21.26 -2.93 3.43
CA GLY D 66 21.67 -1.63 3.90
C GLY D 66 20.49 -0.79 4.36
N SER D 67 20.77 0.09 5.31
CA SER D 67 19.75 0.97 5.87
C SER D 67 20.36 2.35 6.05
N GLY D 68 19.54 3.27 6.55
CA GLY D 68 20.00 4.64 6.65
C GLY D 68 20.05 5.29 5.26
N THR D 69 20.84 6.35 5.18
CA THR D 69 20.95 7.12 3.95
C THR D 69 21.63 6.35 2.82
N ASP D 70 22.26 5.22 3.13
CA ASP D 70 23.01 4.46 2.14
C ASP D 70 22.28 3.16 1.80
N PHE D 71 22.39 2.74 0.54
CA PHE D 71 21.83 1.49 0.08
C PHE D 71 22.73 0.90 -0.99
N THR D 72 22.95 -0.41 -0.92
CA THR D 72 23.90 -1.07 -1.79
C THR D 72 23.25 -2.25 -2.50
N LEU D 73 23.78 -2.56 -3.69
CA LEU D 73 23.42 -3.73 -4.46
C LEU D 73 24.63 -4.63 -4.56
N THR D 74 24.48 -5.90 -4.20
CA THR D 74 25.59 -6.85 -4.21
C THR D 74 25.30 -7.95 -5.22
N ILE D 75 26.27 -8.23 -6.08
CA ILE D 75 26.22 -9.33 -7.02
C ILE D 75 27.31 -10.32 -6.64
N THR D 76 26.91 -11.56 -6.34
CA THR D 76 27.89 -12.55 -5.90
C THR D 76 28.90 -12.85 -6.99
N SER D 77 28.43 -13.02 -8.22
CA SER D 77 29.33 -13.29 -9.34
C SER D 77 28.74 -12.65 -10.59
N LEU D 78 29.63 -12.21 -11.48
CA LEU D 78 29.22 -11.57 -12.71
C LEU D 78 29.30 -12.56 -13.86
N GLN D 79 28.34 -12.47 -14.77
CA GLN D 79 28.27 -13.27 -15.97
C GLN D 79 28.21 -12.37 -17.18
N PRO D 80 28.63 -12.85 -18.35
CA PRO D 80 28.58 -12.00 -19.55
C PRO D 80 27.18 -11.51 -19.88
N GLU D 81 26.15 -12.23 -19.44
CA GLU D 81 24.77 -11.81 -19.66
C GLU D 81 24.29 -10.77 -18.66
N ASP D 82 25.09 -10.45 -17.63
CA ASP D 82 24.67 -9.53 -16.59
C ASP D 82 25.02 -8.09 -16.89
N PHE D 83 25.64 -7.82 -18.04
CA PHE D 83 25.95 -6.44 -18.40
C PHE D 83 24.67 -5.64 -18.55
N ALA D 84 24.60 -4.49 -17.90
CA ALA D 84 23.39 -3.68 -17.90
C ALA D 84 23.73 -2.32 -17.29
N THR D 85 22.69 -1.51 -17.11
CA THR D 85 22.79 -0.22 -16.42
C THR D 85 21.78 -0.23 -15.29
N TYR D 86 22.27 -0.32 -14.06
CA TYR D 86 21.40 -0.54 -12.90
C TYR D 86 20.91 0.79 -12.34
N TYR D 87 19.60 0.89 -12.16
CA TYR D 87 18.95 2.12 -11.72
C TYR D 87 18.33 1.89 -10.34
N CYS D 88 18.54 2.83 -9.43
CA CYS D 88 17.89 2.80 -8.13
C CYS D 88 16.89 3.94 -8.06
N GLN D 89 15.69 3.65 -7.58
CA GLN D 89 14.62 4.62 -7.51
C GLN D 89 14.22 4.83 -6.06
N LEU D 90 13.63 5.99 -5.78
CA LEU D 90 13.19 6.36 -4.44
C LEU D 90 11.73 6.79 -4.45
N SER D 91 10.91 6.07 -5.22
CA SER D 91 9.46 6.21 -5.25
C SER D 91 8.99 7.47 -5.96
N LYS D 92 9.88 8.41 -6.24
CA LYS D 92 9.49 9.56 -7.04
C LYS D 92 10.46 9.80 -8.18
N THR D 93 11.75 9.61 -7.92
CA THR D 93 12.78 9.99 -8.86
C THR D 93 13.80 8.88 -9.02
N PHE D 94 14.21 8.65 -10.26
CA PHE D 94 15.18 7.61 -10.56
C PHE D 94 16.58 8.19 -10.53
N GLY D 95 17.52 7.43 -9.97
CA GLY D 95 18.89 7.85 -9.90
C GLY D 95 19.52 7.87 -11.28
N PRO D 96 20.69 8.49 -11.39
CA PRO D 96 21.35 8.56 -12.71
C PRO D 96 21.73 7.20 -13.27
N GLY D 97 21.85 6.19 -12.43
CA GLY D 97 22.18 4.86 -12.90
C GLY D 97 23.66 4.68 -13.11
N THR D 98 24.08 3.42 -13.05
CA THR D 98 25.48 3.04 -13.18
C THR D 98 25.65 2.10 -14.37
N LYS D 99 26.59 2.43 -15.25
CA LYS D 99 26.94 1.56 -16.37
C LYS D 99 27.90 0.50 -15.87
N VAL D 100 27.53 -0.78 -16.04
CA VAL D 100 28.34 -1.89 -15.58
C VAL D 100 28.72 -2.72 -16.79
N GLU D 101 30.01 -2.96 -16.96
CA GLU D 101 30.56 -3.76 -18.05
C GLU D 101 31.04 -5.10 -17.50
N ILE D 102 31.67 -5.89 -18.36
CA ILE D 102 32.24 -7.17 -17.98
C ILE D 102 33.63 -7.26 -18.60
N LYS D 103 34.62 -7.63 -17.78
CA LYS D 103 36.01 -7.68 -18.19
C LYS D 103 36.44 -9.10 -18.49
N ARG D 104 37.26 -9.25 -19.52
CA ARG D 104 37.85 -10.54 -19.86
C ARG D 104 39.19 -10.26 -20.54
N THR D 105 39.73 -11.27 -21.21
CA THR D 105 41.02 -11.14 -21.87
C THR D 105 40.93 -10.17 -23.05
N VAL D 106 42.09 -9.71 -23.51
CA VAL D 106 42.15 -8.82 -24.65
C VAL D 106 41.85 -9.63 -25.92
N ALA D 107 40.92 -9.13 -26.73
CA ALA D 107 40.44 -9.85 -27.91
C ALA D 107 41.01 -9.23 -29.18
N ALA D 108 41.45 -10.09 -30.08
CA ALA D 108 41.96 -9.64 -31.38
C ALA D 108 40.81 -9.30 -32.31
N PRO D 109 40.82 -8.11 -32.92
CA PRO D 109 39.71 -7.73 -33.80
C PRO D 109 39.87 -8.31 -35.20
N SER D 110 38.73 -8.55 -35.84
CA SER D 110 38.69 -8.96 -37.24
C SER D 110 38.27 -7.77 -38.10
N VAL D 111 38.93 -7.62 -39.24
CA VAL D 111 38.77 -6.45 -40.10
C VAL D 111 38.21 -6.91 -41.44
N PHE D 112 37.18 -6.21 -41.93
CA PHE D 112 36.61 -6.46 -43.24
C PHE D 112 36.31 -5.12 -43.90
N ILE D 113 36.34 -5.12 -45.24
CA ILE D 113 36.15 -3.91 -46.02
C ILE D 113 35.20 -4.22 -47.17
N PHE D 114 34.25 -3.32 -47.42
CA PHE D 114 33.28 -3.48 -48.50
C PHE D 114 33.26 -2.24 -49.39
N PRO D 115 33.67 -2.34 -50.66
CA PRO D 115 33.48 -1.34 -51.51
C PRO D 115 32.00 -1.01 -51.68
N PRO D 116 31.66 0.21 -52.11
CA PRO D 116 30.24 0.54 -52.32
C PRO D 116 29.62 -0.35 -53.38
N SER D 117 28.32 -0.61 -53.22
CA SER D 117 27.60 -1.49 -54.13
C SER D 117 27.38 -0.83 -55.48
N ASP D 118 27.09 -1.66 -56.48
CA ASP D 118 26.83 -1.15 -57.82
C ASP D 118 25.58 -0.28 -57.86
N GLU D 119 24.55 -0.67 -57.11
CA GLU D 119 23.32 0.14 -57.06
C GLU D 119 23.61 1.52 -56.49
N GLN D 120 24.47 1.60 -55.48
CA GLN D 120 24.87 2.90 -54.95
C GLN D 120 25.59 3.73 -56.00
N LEU D 121 26.43 3.07 -56.82
CA LEU D 121 27.09 3.78 -57.91
C LEU D 121 26.08 4.33 -58.90
N LYS D 122 25.01 3.56 -59.17
CA LYS D 122 23.95 4.06 -60.05
C LYS D 122 23.29 5.30 -59.43
N SER D 123 23.15 5.32 -58.11
CA SER D 123 22.58 6.48 -57.44
C SER D 123 23.47 7.72 -57.57
N GLY D 124 24.73 7.54 -57.93
CA GLY D 124 25.64 8.64 -58.15
C GLY D 124 26.63 8.89 -57.03
N THR D 125 26.44 8.27 -55.87
CA THR D 125 27.32 8.44 -54.73
C THR D 125 28.05 7.12 -54.45
N ALA D 126 28.85 7.12 -53.38
CA ALA D 126 29.58 5.94 -52.97
C ALA D 126 29.73 5.95 -51.45
N SER D 127 29.57 4.78 -50.84
CA SER D 127 29.66 4.64 -49.38
C SER D 127 30.51 3.42 -49.07
N VAL D 128 31.75 3.66 -48.65
CA VAL D 128 32.69 2.60 -48.29
C VAL D 128 32.58 2.37 -46.79
N VAL D 129 32.49 1.11 -46.38
CA VAL D 129 32.31 0.74 -44.98
C VAL D 129 33.36 -0.29 -44.60
N CYS D 130 34.02 -0.07 -43.47
CA CYS D 130 35.00 -1.01 -42.94
C CYS D 130 34.44 -1.63 -41.67
N LEU D 131 34.38 -2.95 -41.63
CA LEU D 131 33.86 -3.66 -40.47
C LEU D 131 35.01 -4.05 -39.55
N LEU D 132 34.89 -3.69 -38.28
CA LEU D 132 35.91 -3.97 -37.28
C LEU D 132 35.19 -4.61 -36.10
N ASN D 133 35.46 -5.88 -35.86
CA ASN D 133 34.54 -6.74 -35.11
C ASN D 133 35.24 -7.46 -33.97
N ASN D 134 34.44 -7.83 -32.97
CA ASN D 134 34.76 -8.82 -31.93
C ASN D 134 36.16 -8.59 -31.32
N PHE D 135 36.28 -7.47 -30.61
CA PHE D 135 37.54 -7.07 -30.01
C PHE D 135 37.33 -6.73 -28.53
N TYR D 136 38.42 -6.31 -27.88
CA TYR D 136 38.44 -5.85 -26.50
C TYR D 136 39.82 -5.23 -26.27
N PRO D 137 39.93 -4.02 -25.68
CA PRO D 137 38.88 -3.09 -25.26
C PRO D 137 38.23 -2.35 -26.42
N ARG D 138 37.29 -1.46 -26.10
CA ARG D 138 36.55 -0.76 -27.14
C ARG D 138 37.45 0.16 -27.96
N GLU D 139 38.40 0.82 -27.31
CA GLU D 139 39.23 1.80 -28.00
C GLU D 139 39.99 1.15 -29.15
N ALA D 140 39.92 1.79 -30.32
CA ALA D 140 40.59 1.27 -31.51
C ALA D 140 40.79 2.42 -32.49
N LYS D 141 42.04 2.64 -32.89
CA LYS D 141 42.38 3.70 -33.82
C LYS D 141 42.11 3.22 -35.25
N VAL D 142 41.25 3.94 -35.96
CA VAL D 142 40.87 3.61 -37.32
C VAL D 142 41.47 4.65 -38.26
N GLN D 143 42.14 4.19 -39.31
CA GLN D 143 42.72 5.05 -40.32
C GLN D 143 42.34 4.55 -41.70
N TRP D 144 42.24 5.47 -42.64
CA TRP D 144 41.93 5.14 -44.02
C TRP D 144 42.94 5.80 -44.95
N LYS D 145 43.53 5.01 -45.84
CA LYS D 145 44.48 5.50 -46.83
C LYS D 145 43.87 5.29 -48.22
N VAL D 146 43.76 6.37 -48.98
CA VAL D 146 43.29 6.33 -50.35
C VAL D 146 44.39 6.96 -51.21
N ASP D 147 44.98 6.15 -52.09
CA ASP D 147 46.15 6.55 -52.86
C ASP D 147 47.25 7.06 -51.93
N ASN D 148 47.62 6.19 -50.98
CA ASN D 148 48.58 6.45 -49.92
C ASN D 148 48.41 7.84 -49.31
N ALA D 149 47.16 8.27 -49.16
CA ALA D 149 46.85 9.56 -48.57
C ALA D 149 45.77 9.38 -47.51
N LEU D 150 45.95 10.06 -46.38
CA LEU D 150 44.99 9.97 -45.29
C LEU D 150 43.78 10.85 -45.54
N GLN D 151 42.63 10.40 -45.06
CA GLN D 151 41.38 11.15 -45.18
C GLN D 151 40.75 11.28 -43.81
N SER D 152 40.17 12.45 -43.54
CA SER D 152 39.54 12.71 -42.26
C SER D 152 38.47 13.79 -42.42
N GLY D 153 37.55 13.82 -41.47
CA GLY D 153 36.50 14.81 -41.46
C GLY D 153 35.30 14.51 -42.33
N ASN D 154 35.32 13.39 -43.07
CA ASN D 154 34.22 13.04 -43.97
C ASN D 154 33.67 11.65 -43.69
N SER D 155 34.06 11.02 -42.58
CA SER D 155 33.62 9.67 -42.26
C SER D 155 33.00 9.64 -40.88
N GLN D 156 32.07 8.71 -40.69
CA GLN D 156 31.36 8.55 -39.43
C GLN D 156 31.52 7.12 -38.93
N GLU D 157 31.66 6.98 -37.61
CA GLU D 157 31.86 5.69 -36.98
C GLU D 157 30.79 5.45 -35.93
N SER D 158 30.30 4.22 -35.87
CA SER D 158 29.29 3.82 -34.91
C SER D 158 29.77 2.60 -34.14
N VAL D 159 29.53 2.60 -32.83
CA VAL D 159 29.94 1.52 -31.94
C VAL D 159 28.69 0.79 -31.48
N THR D 160 28.70 -0.53 -31.60
CA THR D 160 27.54 -1.33 -31.20
C THR D 160 27.56 -1.51 -29.69
N GLU D 161 26.73 -2.41 -29.19
CA GLU D 161 26.73 -2.76 -27.79
C GLU D 161 27.46 -4.08 -27.60
N GLN D 162 28.02 -4.26 -26.41
CA GLN D 162 28.83 -5.44 -26.14
C GLN D 162 27.98 -6.70 -26.15
N ASP D 163 28.49 -7.75 -26.81
CA ASP D 163 27.79 -9.02 -26.86
C ASP D 163 27.72 -9.63 -25.47
N SER D 164 26.59 -10.26 -25.18
CA SER D 164 26.38 -10.90 -23.89
C SER D 164 26.87 -12.35 -23.85
N LYS D 165 27.37 -12.87 -24.96
CA LYS D 165 27.93 -14.22 -25.01
C LYS D 165 29.45 -14.22 -24.82
N ASP D 166 30.17 -13.56 -25.73
CA ASP D 166 31.63 -13.56 -25.69
C ASP D 166 32.23 -12.23 -25.25
N SER D 167 31.40 -11.23 -24.95
CA SER D 167 31.83 -9.98 -24.34
C SER D 167 32.83 -9.23 -25.22
N THR D 168 32.39 -8.93 -26.44
CA THR D 168 33.19 -8.15 -27.39
C THR D 168 32.30 -7.12 -28.08
N TYR D 169 32.94 -6.05 -28.53
CA TYR D 169 32.27 -4.97 -29.24
C TYR D 169 32.46 -5.14 -30.74
N SER D 170 31.99 -4.15 -31.50
CA SER D 170 32.24 -4.09 -32.94
C SER D 170 32.07 -2.66 -33.41
N LEU D 171 32.83 -2.30 -34.45
CA LEU D 171 32.84 -0.95 -34.98
C LEU D 171 32.64 -0.98 -36.48
N SER D 172 32.15 0.13 -37.02
CA SER D 172 32.07 0.32 -38.46
C SER D 172 32.23 1.79 -38.78
N SER D 173 33.06 2.09 -39.77
CA SER D 173 33.29 3.46 -40.23
C SER D 173 32.78 3.58 -41.65
N THR D 174 32.01 4.63 -41.91
CA THR D 174 31.37 4.85 -43.21
C THR D 174 31.84 6.18 -43.78
N LEU D 175 32.28 6.17 -45.03
CA LEU D 175 32.67 7.37 -45.76
C LEU D 175 31.72 7.56 -46.93
N THR D 176 31.12 8.75 -47.03
CA THR D 176 30.19 9.09 -48.09
C THR D 176 30.91 9.98 -49.09
N LEU D 177 31.13 9.48 -50.31
CA LEU D 177 31.85 10.21 -51.33
C LEU D 177 31.12 10.07 -52.66
N SER D 178 31.34 11.05 -53.52
CA SER D 178 30.72 11.04 -54.84
C SER D 178 31.43 10.04 -55.76
N LYS D 179 30.76 9.72 -56.87
CA LYS D 179 31.34 8.78 -57.83
C LYS D 179 32.64 9.31 -58.43
N ALA D 180 32.73 10.61 -58.64
CA ALA D 180 33.95 11.19 -59.21
C ALA D 180 35.15 10.94 -58.30
N ASP D 181 34.97 11.11 -56.99
CA ASP D 181 36.04 10.80 -56.05
C ASP D 181 36.37 9.31 -56.06
N TYR D 182 35.35 8.46 -56.15
CA TYR D 182 35.58 7.03 -56.21
C TYR D 182 36.37 6.64 -57.46
N GLU D 183 36.02 7.23 -58.60
CA GLU D 183 36.73 6.94 -59.84
C GLU D 183 38.04 7.68 -59.97
N LYS D 184 38.30 8.66 -59.10
CA LYS D 184 39.57 9.40 -59.15
C LYS D 184 40.72 8.64 -58.51
N HIS D 185 40.45 7.56 -57.79
CA HIS D 185 41.48 6.80 -57.10
C HIS D 185 41.28 5.32 -57.37
N LYS D 186 42.38 4.57 -57.30
CA LYS D 186 42.38 3.14 -57.60
C LYS D 186 42.46 2.28 -56.33
N VAL D 187 43.42 2.54 -55.47
CA VAL D 187 43.64 1.73 -54.28
C VAL D 187 42.93 2.38 -53.09
N TYR D 188 42.37 1.53 -52.22
CA TYR D 188 41.74 1.97 -50.98
C TYR D 188 42.06 0.94 -49.91
N ALA D 189 42.56 1.42 -48.77
CA ALA D 189 43.00 0.54 -47.69
C ALA D 189 42.33 0.95 -46.39
N CYS D 190 42.08 -0.04 -45.54
CA CYS D 190 41.55 0.17 -44.20
C CYS D 190 42.60 -0.26 -43.20
N GLU D 191 43.17 0.70 -42.48
CA GLU D 191 44.21 0.45 -41.49
C GLU D 191 43.68 0.73 -40.09
N VAL D 192 43.84 -0.23 -39.19
CA VAL D 192 43.34 -0.12 -37.84
C VAL D 192 44.38 -0.68 -36.88
N THR D 193 44.58 0.01 -35.76
CA THR D 193 45.53 -0.39 -34.74
C THR D 193 44.81 -0.65 -33.44
N HIS D 194 45.09 -1.80 -32.83
CA HIS D 194 44.44 -2.21 -31.59
C HIS D 194 45.47 -2.86 -30.69
N GLN D 195 45.29 -2.72 -29.38
CA GLN D 195 46.20 -3.34 -28.42
C GLN D 195 46.16 -4.85 -28.49
N GLY D 196 45.11 -5.42 -29.08
CA GLY D 196 45.07 -6.85 -29.33
C GLY D 196 45.84 -7.31 -30.54
N LEU D 197 46.44 -6.38 -31.28
CA LEU D 197 47.24 -6.68 -32.45
C LEU D 197 48.70 -6.36 -32.15
N SER D 198 49.56 -7.36 -32.30
CA SER D 198 50.99 -7.12 -32.12
C SER D 198 51.53 -6.15 -33.17
N SER D 199 51.02 -6.24 -34.39
CA SER D 199 51.40 -5.34 -35.47
C SER D 199 50.15 -4.79 -36.13
N PRO D 200 50.22 -3.58 -36.69
CA PRO D 200 49.06 -3.02 -37.39
C PRO D 200 48.67 -3.87 -38.59
N VAL D 201 47.37 -3.91 -38.86
CA VAL D 201 46.81 -4.70 -39.96
C VAL D 201 46.07 -3.75 -40.90
N THR D 202 46.34 -3.87 -42.19
CA THR D 202 45.68 -3.10 -43.22
C THR D 202 45.13 -4.03 -44.29
N LYS D 203 43.98 -3.67 -44.84
CA LYS D 203 43.34 -4.43 -45.92
C LYS D 203 43.12 -3.49 -47.09
N SER D 204 43.85 -3.71 -48.17
CA SER D 204 43.81 -2.84 -49.35
C SER D 204 43.10 -3.55 -50.49
N PHE D 205 42.26 -2.81 -51.19
CA PHE D 205 41.57 -3.33 -52.36
C PHE D 205 41.62 -2.31 -53.48
N ASN D 206 41.48 -2.80 -54.71
CA ASN D 206 41.44 -1.95 -55.90
C ASN D 206 40.04 -1.98 -56.49
N ARG D 207 39.54 -0.79 -56.85
CA ARG D 207 38.20 -0.68 -57.42
C ARG D 207 38.12 -1.44 -58.73
N GLY D 208 37.05 -2.20 -58.91
CA GLY D 208 36.84 -2.98 -60.12
C GLY D 208 37.53 -4.32 -60.14
N GLU D 209 38.23 -4.70 -59.08
CA GLU D 209 38.93 -5.98 -59.04
C GLU D 209 38.16 -7.00 -58.21
#